data_8S0S
#
_entry.id   8S0S
#
_cell.length_a   45.723
_cell.length_b   213.727
_cell.length_c   55.842
_cell.angle_alpha   90.00
_cell.angle_beta   96.96
_cell.angle_gamma   90.00
#
_symmetry.space_group_name_H-M   'P 1 21 1'
#
loop_
_entity.id
_entity.type
_entity.pdbx_description
1 polymer 'Tyrosine-protein phosphatase non-receptor type 11'
2 non-polymer (1R,5S)-8-[7-(4-chloranyl-2-methyl-indazol-5-yl)-5H-pyrrolo[2,3-b]pyrazin-3-yl]-8-azabicyclo[3.2.1]octan-3-amine
3 water water
#
_entity_poly.entity_id   1
_entity_poly.type   'polypeptide(L)'
_entity_poly.pdbx_seq_one_letter_code
;HMTSRRWFHPNITGVEAENLLLTRGVDGSFLARPSKSNPGDFTLSVRRNGAVTHIKIQNTGDYYDLYGGEKFATLAELVQ
YYMEHHGQLKEKNGDVIELKYPLNCADPTSERWFHGHLSGKEAEKLLTEKGKHGSFLVRESQSHPGDFVLSVRTGDDKGE
SNDGKSKVTHVMIRCQELKYDVGGGERFDSLTDLVEHYKKNPMVETLGTVLQLKQPLNTTRINAAEIESRVRELSKLAET
TDKVKQGFWEEFETLQQQECKLLYSRKEGQRQENKNKNRYKNILPFDHTRVVLHDGDPNEPVSDYINANIIMPEFETKCN
NSKPKKSYIATQGCLQNTVNDFWRMVFQENSRVIVMTTKEVERGKSKCVKYWPDEYALKEYGVMRVRNVKESAAHDYTLR
ELKLSKVGQGNTERTVWQYHFRTWPDHGVPSDPGGVLDFLEEVHHKQESIMDAGPVVVHCSAGIGRTGTFIVIDILIDII
REKGVDCDIDVPKTIQMVRSQRSGMVQTEAQYRFIYMAVQHYIETLQRRLEHHHHHH
;
_entity_poly.pdbx_strand_id   A,B
#
# COMPACT_ATOMS: atom_id res chain seq x y z
N ARG A 5 -1.82 0.98 15.22
CA ARG A 5 -2.31 1.32 16.60
C ARG A 5 -2.88 2.75 16.60
N ARG A 6 -3.52 3.08 15.51
CA ARG A 6 -4.01 4.43 15.32
C ARG A 6 -5.30 4.63 16.14
N TRP A 7 -5.80 3.58 16.79
CA TRP A 7 -7.01 3.69 17.58
C TRP A 7 -6.66 4.22 18.96
N PHE A 8 -5.38 4.41 19.31
CA PHE A 8 -5.02 5.01 20.59
C PHE A 8 -4.80 6.52 20.40
N HIS A 9 -5.49 7.31 21.22
CA HIS A 9 -5.43 8.77 21.17
C HIS A 9 -4.79 9.29 22.46
N PRO A 10 -3.48 9.65 22.42
CA PRO A 10 -2.74 10.03 23.66
C PRO A 10 -3.22 11.30 24.40
N ASN A 11 -3.81 12.25 23.68
CA ASN A 11 -4.10 13.57 24.24
C ASN A 11 -5.57 13.95 23.98
N ILE A 12 -6.48 13.02 24.22
CA ILE A 12 -7.90 13.27 23.98
C ILE A 12 -8.61 13.31 25.33
N THR A 13 -9.60 14.18 25.47
CA THR A 13 -10.45 14.19 26.67
C THR A 13 -11.67 13.29 26.42
N GLY A 14 -12.36 12.93 27.50
CA GLY A 14 -13.57 12.12 27.39
C GLY A 14 -14.57 12.73 26.44
N VAL A 15 -14.76 14.05 26.53
CA VAL A 15 -15.73 14.79 25.71
C VAL A 15 -15.26 14.83 24.26
N GLU A 16 -13.97 15.03 24.04
CA GLU A 16 -13.42 14.95 22.71
C GLU A 16 -13.69 13.53 22.16
N ALA A 17 -13.47 12.51 22.98
CA ALA A 17 -13.68 11.14 22.53
C ALA A 17 -15.13 10.92 22.09
N GLU A 18 -16.10 11.31 22.92
CA GLU A 18 -17.51 11.12 22.58
C GLU A 18 -17.81 11.84 21.26
N ASN A 19 -17.38 13.10 21.17
CA ASN A 19 -17.68 13.95 20.00
C ASN A 19 -17.12 13.29 18.73
N LEU A 20 -15.90 12.76 18.79
CA LEU A 20 -15.30 12.11 17.61
C LEU A 20 -16.12 10.88 17.20
N LEU A 21 -16.48 10.06 18.18
CA LEU A 21 -17.24 8.83 17.90
C LEU A 21 -18.60 9.16 17.29
N LEU A 22 -19.24 10.23 17.76
CA LEU A 22 -20.60 10.58 17.33
C LEU A 22 -20.56 11.25 15.95
N THR A 23 -19.51 12.01 15.68
CA THR A 23 -19.46 12.83 14.47
C THR A 23 -18.64 12.10 13.39
N ARG A 24 -17.60 11.34 13.75
CA ARG A 24 -16.76 10.73 12.74
C ARG A 24 -16.85 9.19 12.79
N GLY A 25 -17.55 8.63 13.77
CA GLY A 25 -17.70 7.18 13.85
C GLY A 25 -19.10 6.71 13.49
N VAL A 26 -19.32 5.42 13.67
CA VAL A 26 -20.63 4.78 13.52
C VAL A 26 -20.73 3.71 14.62
N ASP A 27 -21.84 2.97 14.67
CA ASP A 27 -21.94 1.90 15.65
C ASP A 27 -20.85 0.85 15.40
N GLY A 28 -20.12 0.53 16.46
CA GLY A 28 -18.98 -0.36 16.42
C GLY A 28 -17.65 0.37 16.39
N SER A 29 -17.66 1.69 16.14
CA SER A 29 -16.45 2.53 16.24
C SER A 29 -15.94 2.54 17.70
N PHE A 30 -14.62 2.67 17.85
CA PHE A 30 -14.00 2.63 19.16
C PHE A 30 -12.60 3.25 19.11
N LEU A 31 -12.15 3.73 20.27
CA LEU A 31 -10.80 4.23 20.45
C LEU A 31 -10.41 4.00 21.92
N ALA A 32 -9.11 4.06 22.18
CA ALA A 32 -8.63 3.94 23.55
C ALA A 32 -7.89 5.25 23.88
N ARG A 33 -7.80 5.59 25.15
CA ARG A 33 -7.17 6.83 25.54
C ARG A 33 -6.70 6.76 27.02
N PRO A 34 -5.70 7.57 27.40
CA PRO A 34 -5.24 7.69 28.77
C PRO A 34 -6.16 8.55 29.62
N SER A 35 -6.06 8.39 30.94
CA SER A 35 -6.51 9.43 31.87
C SER A 35 -5.31 10.29 32.26
N LYS A 36 -5.48 11.62 32.21
CA LYS A 36 -4.44 12.59 32.58
C LYS A 36 -4.23 12.55 34.10
N SER A 37 -5.35 12.50 34.83
CA SER A 37 -5.37 12.64 36.29
C SER A 37 -5.06 11.31 36.98
N ASN A 38 -4.93 10.22 36.21
CA ASN A 38 -4.83 8.88 36.78
C ASN A 38 -3.83 8.09 35.92
N PRO A 39 -2.63 7.79 36.47
CA PRO A 39 -1.40 7.51 35.72
C PRO A 39 -1.41 6.23 34.87
N GLY A 40 -2.00 5.14 35.37
CA GLY A 40 -2.15 3.89 34.61
C GLY A 40 -3.61 3.53 34.43
N ASP A 41 -4.47 4.52 34.31
CA ASP A 41 -5.86 4.25 33.99
C ASP A 41 -6.02 4.55 32.50
N PHE A 42 -6.73 3.67 31.81
CA PHE A 42 -7.09 3.88 30.40
C PHE A 42 -8.60 3.73 30.24
N THR A 43 -9.11 4.26 29.13
CA THR A 43 -10.52 4.18 28.83
C THR A 43 -10.67 3.64 27.41
N LEU A 44 -11.43 2.56 27.26
CA LEU A 44 -11.95 2.11 25.95
C LEU A 44 -13.32 2.78 25.69
N SER A 45 -13.36 3.71 24.72
CA SER A 45 -14.61 4.38 24.36
C SER A 45 -15.19 3.76 23.08
N VAL A 46 -16.48 3.39 23.13
CA VAL A 46 -17.12 2.59 22.08
C VAL A 46 -18.48 3.20 21.75
N ARG A 47 -18.78 3.33 20.45
CA ARG A 47 -20.12 3.69 20.01
C ARG A 47 -20.99 2.42 19.85
N ARG A 48 -22.20 2.47 20.39
CA ARG A 48 -23.19 1.42 20.19
C ARG A 48 -24.59 2.03 20.26
N ASN A 49 -25.39 1.75 19.24
CA ASN A 49 -26.79 2.20 19.17
C ASN A 49 -26.87 3.74 19.24
N GLY A 50 -25.92 4.43 18.63
CA GLY A 50 -25.94 5.89 18.57
C GLY A 50 -25.47 6.58 19.84
N ALA A 51 -24.98 5.84 20.84
CA ALA A 51 -24.48 6.46 22.09
C ALA A 51 -23.08 5.92 22.38
N VAL A 52 -22.36 6.57 23.31
CA VAL A 52 -20.96 6.20 23.58
C VAL A 52 -20.88 5.61 24.99
N THR A 53 -20.27 4.44 25.11
CA THR A 53 -19.95 3.86 26.40
C THR A 53 -18.43 3.96 26.61
N HIS A 54 -18.06 4.19 27.87
CA HIS A 54 -16.69 4.26 28.29
C HIS A 54 -16.40 3.08 29.23
N ILE A 55 -15.35 2.32 28.95
CA ILE A 55 -14.99 1.12 29.72
C ILE A 55 -13.58 1.30 30.30
N LYS A 56 -13.46 1.24 31.63
CA LYS A 56 -12.16 1.44 32.28
C LYS A 56 -11.25 0.22 32.07
N ILE A 57 -9.98 0.54 31.89
CA ILE A 57 -8.91 -0.41 31.85
C ILE A 57 -7.90 0.09 32.87
N GLN A 58 -7.61 -0.75 33.86
CA GLN A 58 -6.70 -0.37 34.93
C GLN A 58 -5.41 -1.16 34.77
N ASN A 59 -4.27 -0.53 35.01
CA ASN A 59 -3.01 -1.26 35.10
C ASN A 59 -2.22 -0.75 36.30
N THR A 60 -2.07 -1.57 37.34
CA THR A 60 -1.29 -1.18 38.56
C THR A 60 0.16 -1.65 38.48
N GLY A 61 0.54 -2.33 37.40
CA GLY A 61 1.88 -2.86 37.29
C GLY A 61 1.91 -4.30 36.81
N ASP A 62 0.80 -5.03 36.87
CA ASP A 62 0.89 -6.46 36.48
C ASP A 62 0.21 -6.92 35.20
N TYR A 63 -0.78 -6.16 34.74
CA TYR A 63 -1.57 -6.50 33.57
C TYR A 63 -2.60 -5.38 33.36
N TYR A 64 -3.15 -5.35 32.16
CA TYR A 64 -4.26 -4.47 31.81
C TYR A 64 -5.54 -5.21 32.17
N ASP A 65 -6.33 -4.62 33.05
CA ASP A 65 -7.51 -5.26 33.52
C ASP A 65 -8.69 -4.49 32.99
N LEU A 66 -9.35 -5.08 31.99
CA LEU A 66 -10.50 -4.44 31.36
C LEU A 66 -11.76 -4.76 32.19
N TYR A 67 -12.52 -3.74 32.57
CA TYR A 67 -13.72 -3.94 33.42
C TYR A 67 -14.79 -4.71 32.63
N GLY A 68 -15.25 -5.84 33.18
CA GLY A 68 -16.26 -6.67 32.49
C GLY A 68 -15.66 -7.52 31.38
N GLY A 69 -14.33 -7.50 31.29
CA GLY A 69 -13.58 -8.28 30.29
C GLY A 69 -12.45 -9.05 30.94
N GLU A 70 -11.40 -9.28 30.17
CA GLU A 70 -10.29 -10.13 30.61
C GLU A 70 -9.08 -9.26 30.98
N LYS A 71 -8.01 -9.94 31.38
CA LYS A 71 -6.72 -9.32 31.60
C LYS A 71 -5.80 -9.56 30.40
N PHE A 72 -5.04 -8.55 30.01
CA PHE A 72 -4.23 -8.61 28.80
C PHE A 72 -2.83 -8.10 29.08
N ALA A 73 -1.89 -8.60 28.28
CA ALA A 73 -0.50 -8.16 28.35
C ALA A 73 -0.28 -6.78 27.68
N THR A 74 -1.01 -6.44 26.62
CA THR A 74 -0.89 -5.10 25.97
C THR A 74 -2.27 -4.65 25.48
N LEU A 75 -2.45 -3.36 25.30
CA LEU A 75 -3.69 -2.85 24.70
C LEU A 75 -3.85 -3.37 23.26
N ALA A 76 -2.74 -3.57 22.55
CA ALA A 76 -2.85 -4.09 21.18
C ALA A 76 -3.39 -5.52 21.22
N GLU A 77 -2.89 -6.35 22.14
CA GLU A 77 -3.39 -7.72 22.27
C GLU A 77 -4.86 -7.70 22.71
N LEU A 78 -5.25 -6.76 23.58
CA LEU A 78 -6.66 -6.59 24.03
C LEU A 78 -7.57 -6.30 22.82
N VAL A 79 -7.20 -5.31 22.03
CA VAL A 79 -8.01 -4.91 20.88
C VAL A 79 -8.09 -6.07 19.88
N GLN A 80 -6.97 -6.73 19.59
CA GLN A 80 -6.96 -7.87 18.64
C GLN A 80 -7.91 -8.97 19.13
N TYR A 81 -7.89 -9.26 20.42
CA TYR A 81 -8.73 -10.32 20.97
C TYR A 81 -10.20 -10.01 20.66
N TYR A 82 -10.64 -8.80 21.02
CA TYR A 82 -12.07 -8.47 20.87
C TYR A 82 -12.42 -8.19 19.41
N MET A 83 -11.50 -7.77 18.56
CA MET A 83 -11.84 -7.57 17.17
C MET A 83 -11.94 -8.92 16.45
N GLU A 84 -11.34 -9.98 17.00
CA GLU A 84 -11.35 -11.33 16.40
C GLU A 84 -12.29 -12.25 17.18
N HIS A 85 -13.13 -11.70 18.05
CA HIS A 85 -14.07 -12.47 18.86
C HIS A 85 -15.49 -11.89 18.69
N GLN A 88 -18.80 -10.75 23.28
CA GLN A 88 -17.69 -11.31 24.05
C GLN A 88 -17.17 -10.28 25.05
N LEU A 89 -17.23 -9.00 24.68
CA LEU A 89 -17.13 -7.93 25.65
C LEU A 89 -18.56 -7.50 26.00
N LYS A 90 -18.81 -7.28 27.30
CA LYS A 90 -20.16 -7.00 27.78
C LYS A 90 -20.14 -5.96 28.91
N GLU A 91 -21.23 -5.19 28.98
CA GLU A 91 -21.52 -4.34 30.12
C GLU A 91 -22.16 -5.19 31.23
N GLY A 94 -25.00 -6.41 30.96
CA GLY A 94 -24.47 -7.63 30.37
C GLY A 94 -24.67 -7.69 28.86
N ASP A 95 -25.04 -6.57 28.23
CA ASP A 95 -25.18 -6.50 26.76
C ASP A 95 -23.80 -6.54 26.10
N VAL A 96 -23.76 -7.03 24.86
CA VAL A 96 -22.51 -7.17 24.11
C VAL A 96 -22.14 -5.80 23.54
N ILE A 97 -20.86 -5.47 23.66
CA ILE A 97 -20.26 -4.27 23.10
C ILE A 97 -19.31 -4.73 22.00
N GLU A 98 -19.57 -4.34 20.76
CA GLU A 98 -18.74 -4.81 19.63
C GLU A 98 -17.66 -3.77 19.29
N LEU A 99 -16.41 -4.19 19.20
CA LEU A 99 -15.35 -3.35 18.65
C LEU A 99 -15.19 -3.72 17.17
N LYS A 100 -15.65 -2.86 16.28
CA LYS A 100 -15.67 -3.14 14.83
C LYS A 100 -14.69 -2.23 14.08
N TYR A 101 -14.79 -0.91 14.31
CA TYR A 101 -14.10 0.07 13.47
C TYR A 101 -13.21 1.00 14.32
N PRO A 102 -11.89 0.78 14.30
CA PRO A 102 -10.98 1.67 14.98
C PRO A 102 -11.17 3.12 14.50
N LEU A 103 -11.28 4.06 15.43
CA LEU A 103 -11.34 5.50 15.08
C LEU A 103 -9.91 6.04 15.16
N ASN A 104 -9.33 6.39 14.01
CA ASN A 104 -7.88 6.60 13.91
C ASN A 104 -7.46 8.00 14.35
N CYS A 105 -6.37 8.04 15.12
CA CYS A 105 -5.81 9.30 15.67
C CYS A 105 -4.80 9.89 14.67
N ALA A 106 -4.81 11.21 14.54
CA ALA A 106 -3.95 11.90 13.57
C ALA A 106 -2.74 12.50 14.28
N ASP A 107 -2.76 12.46 15.61
CA ASP A 107 -1.76 13.13 16.47
C ASP A 107 -0.39 12.51 16.25
N PRO A 108 0.60 13.31 15.82
CA PRO A 108 1.94 12.77 15.49
C PRO A 108 2.90 12.56 16.67
N THR A 109 2.55 13.03 17.88
CA THR A 109 3.56 13.21 18.94
C THR A 109 3.96 11.87 19.57
N SER A 110 3.39 10.75 19.15
CA SER A 110 3.87 9.47 19.66
C SER A 110 4.65 8.69 18.59
N GLU A 111 5.00 9.35 17.48
CA GLU A 111 5.82 8.70 16.45
C GLU A 111 7.30 8.93 16.75
N ARG A 112 8.11 7.91 16.53
CA ARG A 112 9.56 7.98 16.80
C ARG A 112 10.21 9.15 16.06
N TRP A 113 9.71 9.44 14.87
CA TRP A 113 10.32 10.38 13.93
C TRP A 113 9.83 11.80 14.16
N PHE A 114 8.93 12.03 15.12
CA PHE A 114 8.38 13.36 15.30
C PHE A 114 9.12 14.15 16.40
N HIS A 115 9.73 15.26 16.01
CA HIS A 115 10.38 16.19 16.93
C HIS A 115 9.86 17.62 16.66
N GLY A 116 8.61 17.88 16.99
CA GLY A 116 8.03 19.17 16.69
C GLY A 116 9.05 20.28 16.80
N HIS A 117 9.59 20.43 18.01
CA HIS A 117 10.32 21.63 18.45
C HIS A 117 11.61 21.90 17.67
N LEU A 118 12.21 20.88 17.03
CA LEU A 118 13.58 21.02 16.48
C LEU A 118 13.66 22.16 15.44
N SER A 119 14.73 22.95 15.54
CA SER A 119 15.10 23.96 14.56
C SER A 119 15.82 23.29 13.38
N GLY A 120 16.18 24.09 12.37
CA GLY A 120 16.75 23.59 11.12
C GLY A 120 18.19 23.14 11.26
N LYS A 121 19.02 23.94 11.93
CA LYS A 121 20.44 23.61 12.06
C LYS A 121 20.60 22.51 13.11
N GLU A 122 19.81 22.58 14.19
CA GLU A 122 19.82 21.56 15.23
C GLU A 122 19.45 20.20 14.65
N ALA A 123 18.48 20.14 13.73
CA ALA A 123 18.10 18.88 13.06
C ALA A 123 19.24 18.41 12.17
N GLU A 124 19.97 19.33 11.55
CA GLU A 124 21.13 19.00 10.71
C GLU A 124 22.23 18.39 11.58
N LYS A 125 22.53 19.03 12.72
CA LYS A 125 23.59 18.56 13.62
C LYS A 125 23.26 17.13 14.07
N LEU A 126 22.05 16.96 14.61
CA LEU A 126 21.62 15.66 15.12
C LEU A 126 21.79 14.59 14.03
N LEU A 127 21.29 14.84 12.81
CA LEU A 127 21.41 13.87 11.72
C LEU A 127 22.88 13.67 11.35
N THR A 128 23.65 14.75 11.43
CA THR A 128 25.10 14.69 11.12
C THR A 128 25.82 13.81 12.14
N GLU A 129 25.45 13.91 13.43
CA GLU A 129 26.19 13.25 14.52
C GLU A 129 25.67 11.83 14.73
N LYS A 130 24.35 11.66 14.83
CA LYS A 130 23.74 10.41 15.26
C LYS A 130 23.24 9.59 14.05
N GLY A 131 22.97 10.26 12.93
CA GLY A 131 22.23 9.64 11.83
C GLY A 131 23.13 8.98 10.79
N LYS A 132 22.51 8.12 9.99
CA LYS A 132 23.17 7.40 8.91
C LYS A 132 22.25 7.45 7.69
N HIS A 133 22.58 6.73 6.62
CA HIS A 133 21.75 6.75 5.40
C HIS A 133 20.31 6.38 5.77
N GLY A 134 19.35 7.16 5.27
CA GLY A 134 17.92 6.91 5.47
C GLY A 134 17.42 7.31 6.85
N SER A 135 18.27 7.90 7.70
CA SER A 135 17.78 8.49 8.97
C SER A 135 16.95 9.73 8.65
N PHE A 136 15.75 9.84 9.24
CA PHE A 136 14.88 10.99 9.01
C PHE A 136 14.18 11.42 10.30
N LEU A 137 13.63 12.64 10.25
CA LEU A 137 12.78 13.21 11.29
C LEU A 137 11.81 14.21 10.65
N VAL A 138 10.73 14.51 11.37
CA VAL A 138 9.79 15.55 10.99
C VAL A 138 9.76 16.57 12.14
N ARG A 139 9.88 17.84 11.75
CA ARG A 139 9.89 18.98 12.68
C ARG A 139 8.89 20.03 12.19
N GLU A 140 8.53 20.93 13.11
CA GLU A 140 7.68 22.04 12.79
C GLU A 140 8.50 23.13 12.09
N SER A 141 7.91 23.71 11.05
CA SER A 141 8.51 24.87 10.39
C SER A 141 8.55 26.06 11.35
N GLN A 142 9.67 26.78 11.32
CA GLN A 142 9.81 28.00 12.08
C GLN A 142 9.43 29.19 11.19
N SER A 143 9.62 29.05 9.87
CA SER A 143 9.38 30.12 8.90
C SER A 143 7.90 30.17 8.50
N HIS A 144 7.24 29.01 8.44
CA HIS A 144 5.84 28.92 8.05
C HIS A 144 5.02 28.31 9.20
N PRO A 145 4.56 29.13 10.15
CA PRO A 145 3.76 28.69 11.31
C PRO A 145 2.57 27.78 10.95
N GLY A 146 2.72 26.48 11.16
CA GLY A 146 1.65 25.50 10.92
C GLY A 146 2.04 24.41 9.94
N ASP A 147 3.12 24.65 9.18
CA ASP A 147 3.69 23.63 8.31
C ASP A 147 4.73 22.79 9.02
N PHE A 148 5.29 21.81 8.30
CA PHE A 148 6.23 20.88 8.90
C PHE A 148 7.42 20.73 7.93
N VAL A 149 8.52 20.19 8.41
CA VAL A 149 9.70 19.89 7.59
C VAL A 149 10.12 18.43 7.80
N LEU A 150 10.39 17.75 6.68
CA LEU A 150 10.99 16.40 6.68
C LEU A 150 12.48 16.56 6.39
N SER A 151 13.32 16.07 7.30
CA SER A 151 14.76 16.24 7.21
C SER A 151 15.44 14.87 7.13
N VAL A 152 16.10 14.57 6.02
CA VAL A 152 16.60 13.22 5.76
C VAL A 152 18.09 13.27 5.39
N ARG A 153 18.87 12.42 6.05
CA ARG A 153 20.24 12.15 5.69
C ARG A 153 20.28 11.04 4.63
N THR A 154 21.17 11.18 3.66
CA THR A 154 21.49 10.10 2.72
C THR A 154 22.99 10.11 2.42
N GLY A 155 23.63 8.94 2.44
CA GLY A 155 24.92 8.80 1.78
C GLY A 155 25.69 7.56 2.19
N ASP A 156 27.01 7.71 2.19
CA ASP A 156 27.96 6.63 2.41
C ASP A 156 28.11 6.35 3.91
N ASP A 157 27.60 5.21 4.36
CA ASP A 157 27.59 4.80 5.78
C ASP A 157 26.55 5.60 6.56
N ASP A 163 35.15 14.20 3.37
CA ASP A 163 34.08 13.36 2.84
C ASP A 163 33.11 14.19 1.98
N GLY A 164 31.95 14.57 2.52
CA GLY A 164 30.87 15.14 1.69
C GLY A 164 30.16 14.06 0.89
N LYS A 165 30.35 12.82 1.33
CA LYS A 165 29.75 11.65 0.67
C LYS A 165 28.32 11.45 1.21
N SER A 166 27.95 12.20 2.26
CA SER A 166 26.58 12.22 2.76
C SER A 166 26.02 13.64 2.69
N LYS A 167 24.71 13.78 2.90
CA LYS A 167 24.06 15.09 2.95
C LYS A 167 22.75 14.99 3.72
N VAL A 168 22.25 16.13 4.17
CA VAL A 168 20.92 16.21 4.76
C VAL A 168 20.05 17.00 3.77
N THR A 169 18.84 16.50 3.50
CA THR A 169 17.88 17.19 2.62
C THR A 169 16.66 17.57 3.46
N HIS A 170 16.09 18.74 3.20
CA HIS A 170 14.90 19.20 3.90
C HIS A 170 13.72 19.26 2.91
N VAL A 171 12.61 18.63 3.27
CA VAL A 171 11.43 18.65 2.42
C VAL A 171 10.33 19.40 3.17
N MET A 172 9.77 20.40 2.52
CA MET A 172 8.75 21.22 3.16
C MET A 172 7.43 20.42 3.12
N ILE A 173 6.70 20.44 4.25
CA ILE A 173 5.41 19.76 4.30
C ILE A 173 4.36 20.84 4.59
N ARG A 174 3.50 21.11 3.61
CA ARG A 174 2.45 22.12 3.80
C ARG A 174 1.26 21.51 4.56
N CYS A 175 0.60 22.33 5.37
CA CYS A 175 -0.62 21.93 6.02
C CYS A 175 -1.75 22.84 5.53
N GLN A 176 -2.64 22.26 4.74
CA GLN A 176 -3.74 22.99 4.15
C GLN A 176 -5.03 22.27 4.56
N GLU A 177 -5.84 22.93 5.38
CA GLU A 177 -7.15 22.40 5.75
C GLU A 177 -6.99 21.03 6.42
N LEU A 178 -6.03 20.94 7.33
CA LEU A 178 -5.71 19.72 8.10
C LEU A 178 -5.39 18.54 7.17
N LYS A 179 -4.82 18.81 6.00
CA LYS A 179 -4.20 17.77 5.20
C LYS A 179 -2.78 18.20 4.84
N TYR A 180 -1.90 17.23 4.76
CA TYR A 180 -0.46 17.45 4.62
C TYR A 180 -0.02 17.05 3.22
N ASP A 181 0.83 17.85 2.60
CA ASP A 181 1.44 17.49 1.32
C ASP A 181 2.86 18.06 1.13
N VAL A 182 3.61 17.44 0.24
CA VAL A 182 4.98 17.86 -0.11
C VAL A 182 4.97 18.78 -1.33
N GLY A 183 3.89 19.53 -1.55
CA GLY A 183 3.85 20.55 -2.61
C GLY A 183 3.09 20.07 -3.83
N GLY A 184 2.79 18.78 -3.92
CA GLY A 184 2.03 18.28 -5.07
C GLY A 184 1.52 16.86 -4.81
N GLY A 185 0.60 16.39 -5.64
CA GLY A 185 0.13 15.00 -5.59
C GLY A 185 -0.97 14.80 -4.55
N GLU A 186 -0.78 13.79 -3.73
CA GLU A 186 -1.79 13.35 -2.77
C GLU A 186 -1.75 14.23 -1.52
N ARG A 187 -2.91 14.61 -1.01
CA ARG A 187 -3.03 15.28 0.31
C ARG A 187 -3.46 14.25 1.37
N PHE A 188 -2.68 14.13 2.45
CA PHE A 188 -2.85 13.09 3.49
C PHE A 188 -3.51 13.65 4.76
N ASP A 189 -4.30 12.83 5.43
CA ASP A 189 -5.14 13.30 6.54
C ASP A 189 -4.37 13.45 7.84
N SER A 190 -3.10 13.05 7.81
CA SER A 190 -2.22 13.15 8.98
C SER A 190 -0.77 13.02 8.50
N LEU A 191 0.18 13.50 9.29
CA LEU A 191 1.61 13.31 8.95
C LEU A 191 1.96 11.81 8.92
N THR A 192 1.34 10.97 9.74
CA THR A 192 1.68 9.54 9.72
C THR A 192 1.39 8.96 8.33
N ASP A 193 0.23 9.28 7.76
CA ASP A 193 -0.14 8.74 6.47
C ASP A 193 0.83 9.25 5.41
N LEU A 194 1.32 10.48 5.58
CA LEU A 194 2.23 11.08 4.61
C LEU A 194 3.58 10.36 4.65
N VAL A 195 4.12 10.15 5.85
CA VAL A 195 5.41 9.49 6.08
C VAL A 195 5.32 8.03 5.61
N GLU A 196 4.26 7.33 6.00
CA GLU A 196 4.10 5.91 5.61
C GLU A 196 4.10 5.79 4.08
N HIS A 197 3.49 6.77 3.39
CA HIS A 197 3.44 6.77 1.93
C HIS A 197 4.84 6.97 1.32
N TYR A 198 5.67 7.82 1.92
CA TYR A 198 6.97 8.12 1.30
C TYR A 198 8.05 7.18 1.86
N LYS A 199 7.76 6.50 2.98
CA LYS A 199 8.59 5.37 3.42
C LYS A 199 8.52 4.27 2.35
N LYS A 200 7.32 4.01 1.87
CA LYS A 200 7.08 2.91 0.97
C LYS A 200 7.46 3.34 -0.45
N ASN A 201 7.17 4.59 -0.82
CA ASN A 201 7.42 5.11 -2.18
C ASN A 201 8.30 6.37 -2.11
N PRO A 202 9.63 6.21 -2.01
CA PRO A 202 10.56 7.33 -1.80
C PRO A 202 10.52 8.46 -2.85
N MET A 203 10.75 9.66 -2.36
CA MET A 203 10.90 10.83 -3.23
C MET A 203 12.26 10.77 -3.93
N VAL A 204 12.25 11.09 -5.23
CA VAL A 204 13.44 11.11 -6.05
C VAL A 204 13.71 12.55 -6.48
N GLU A 205 14.93 13.01 -6.22
CA GLU A 205 15.34 14.35 -6.60
C GLU A 205 15.48 14.41 -8.13
N THR A 206 15.46 15.62 -8.68
CA THR A 206 15.60 15.82 -10.12
C THR A 206 16.85 15.07 -10.62
N LEU A 207 17.90 15.02 -9.81
CA LEU A 207 19.18 14.52 -10.27
C LEU A 207 19.42 13.09 -9.76
N GLY A 208 18.37 12.42 -9.27
CA GLY A 208 18.43 10.97 -9.04
C GLY A 208 18.36 10.56 -7.58
N THR A 209 18.92 11.35 -6.67
CA THR A 209 19.02 10.94 -5.27
C THR A 209 17.64 10.45 -4.81
N VAL A 210 17.63 9.29 -4.17
CA VAL A 210 16.42 8.69 -3.60
C VAL A 210 16.38 9.02 -2.10
N LEU A 211 15.37 9.78 -1.67
CA LEU A 211 15.29 10.21 -0.27
C LEU A 211 14.57 9.13 0.55
N GLN A 212 15.29 8.08 0.88
CA GLN A 212 14.74 6.89 1.53
C GLN A 212 14.60 7.13 3.03
N LEU A 213 13.45 6.76 3.58
CA LEU A 213 13.15 6.94 4.98
C LEU A 213 13.30 5.58 5.70
N LYS A 214 14.52 5.24 6.08
CA LYS A 214 14.82 3.87 6.52
C LYS A 214 14.63 3.75 8.04
N GLN A 215 15.17 4.69 8.82
CA GLN A 215 15.03 4.65 10.29
C GLN A 215 14.78 6.06 10.84
N PRO A 216 13.94 6.20 11.86
CA PRO A 216 13.88 7.47 12.58
C PRO A 216 15.23 7.81 13.22
N LEU A 217 15.55 9.09 13.30
CA LEU A 217 16.69 9.56 14.08
C LEU A 217 16.59 8.98 15.50
N ASN A 218 17.70 8.44 16.01
CA ASN A 218 17.71 7.91 17.38
C ASN A 218 18.07 9.04 18.36
N THR A 219 17.15 9.36 19.27
CA THR A 219 17.35 10.42 20.27
C THR A 219 17.29 9.82 21.69
N THR A 220 17.29 8.49 21.82
CA THR A 220 17.09 7.85 23.15
C THR A 220 18.37 7.17 23.64
N ARG A 221 19.20 6.68 22.72
CA ARG A 221 20.55 6.20 23.09
C ARG A 221 21.29 7.34 23.80
N ILE A 222 21.69 7.12 25.05
CA ILE A 222 22.57 8.07 25.75
C ILE A 222 23.85 7.36 26.16
N ASN A 223 24.85 8.15 26.48
CA ASN A 223 26.04 7.65 27.13
C ASN A 223 25.69 7.51 28.61
N ALA A 224 26.17 6.47 29.28
CA ALA A 224 25.64 6.17 30.58
C ALA A 224 26.06 7.27 31.56
N ALA A 225 27.24 7.84 31.34
CA ALA A 225 27.77 8.86 32.25
C ALA A 225 26.74 9.98 32.42
N GLU A 226 26.02 10.30 31.32
CA GLU A 226 25.08 11.45 31.21
C GLU A 226 23.62 11.02 31.46
N ILE A 227 23.39 10.00 32.27
CA ILE A 227 22.04 9.58 32.69
C ILE A 227 21.36 10.70 33.49
N GLU A 228 22.13 11.40 34.33
CA GLU A 228 21.55 12.38 35.25
C GLU A 228 21.02 13.57 34.45
N SER A 229 21.74 13.92 33.37
CA SER A 229 21.29 14.94 32.45
C SER A 229 19.93 14.53 31.87
N ARG A 230 19.88 13.31 31.34
CA ARG A 230 18.67 12.85 30.63
C ARG A 230 17.47 12.76 31.58
N VAL A 231 17.69 12.26 32.81
CA VAL A 231 16.59 12.06 33.77
C VAL A 231 16.00 13.44 34.10
N ARG A 232 16.86 14.41 34.40
CA ARG A 232 16.45 15.81 34.64
C ARG A 232 15.53 16.29 33.52
N GLU A 233 15.97 16.10 32.26
CA GLU A 233 15.22 16.56 31.10
C GLU A 233 13.88 15.84 31.01
N LEU A 234 13.91 14.50 31.08
CA LEU A 234 12.69 13.69 31.02
C LEU A 234 11.76 14.01 32.20
N SER A 235 12.31 14.53 33.30
CA SER A 235 11.52 14.86 34.51
C SER A 235 10.78 16.20 34.38
N LYS A 236 11.13 17.06 33.42
CA LYS A 236 10.42 18.32 33.23
C LYS A 236 9.04 18.05 32.61
N GLN A 246 5.50 15.28 31.51
CA GLN A 246 6.96 15.16 31.36
C GLN A 246 7.32 14.50 30.03
N GLY A 247 8.62 14.51 29.74
CA GLY A 247 9.17 13.73 28.64
C GLY A 247 9.08 12.23 28.93
N PHE A 248 9.08 11.88 30.22
CA PHE A 248 8.97 10.50 30.63
C PHE A 248 7.70 9.89 30.01
N TRP A 249 6.58 10.58 30.15
CA TRP A 249 5.31 10.09 29.63
C TRP A 249 5.37 9.98 28.10
N GLU A 250 5.95 11.00 27.48
CA GLU A 250 6.02 11.08 26.01
C GLU A 250 6.92 9.96 25.44
N GLU A 251 8.06 9.71 26.08
CA GLU A 251 8.94 8.62 25.63
C GLU A 251 8.24 7.27 25.80
N PHE A 252 7.52 7.08 26.91
CA PHE A 252 6.86 5.83 27.17
C PHE A 252 5.74 5.59 26.16
N GLU A 253 4.92 6.60 25.87
CA GLU A 253 3.82 6.36 24.95
C GLU A 253 4.34 6.02 23.55
N THR A 254 5.49 6.58 23.19
CA THR A 254 6.12 6.33 21.89
C THR A 254 6.55 4.85 21.83
N LEU A 255 7.08 4.34 22.95
CA LEU A 255 7.38 2.90 23.06
C LEU A 255 6.09 2.09 22.90
N GLN A 256 5.06 2.46 23.65
CA GLN A 256 3.80 1.72 23.59
C GLN A 256 3.22 1.69 22.16
N GLN A 257 3.41 2.75 21.39
CA GLN A 257 2.83 2.80 20.05
C GLN A 257 3.44 1.68 19.19
N GLN A 258 4.64 1.23 19.53
CA GLN A 258 5.33 0.25 18.69
C GLN A 258 4.88 -1.18 19.06
N GLU A 259 4.02 -1.36 20.06
CA GLU A 259 3.69 -2.76 20.48
C GLU A 259 2.85 -3.49 19.42
N CYS A 260 2.27 -2.76 18.45
CA CYS A 260 1.56 -3.35 17.32
C CYS A 260 2.51 -4.14 16.40
N LYS A 261 3.81 -3.90 16.51
CA LYS A 261 4.80 -4.64 15.75
C LYS A 261 5.06 -6.01 16.42
N LEU A 262 4.49 -6.27 17.60
CA LEU A 262 4.91 -7.43 18.42
C LEU A 262 3.73 -8.38 18.63
N LEU A 263 2.79 -8.47 17.66
CA LEU A 263 1.63 -9.35 17.83
C LEU A 263 1.95 -10.75 17.25
N TYR A 264 3.00 -11.34 17.78
CA TYR A 264 3.46 -12.66 17.35
C TYR A 264 2.54 -13.76 17.87
N SER A 265 2.62 -14.90 17.23
CA SER A 265 1.65 -15.93 17.48
C SER A 265 1.91 -16.56 18.85
N ARG A 266 0.83 -16.95 19.49
CA ARG A 266 0.82 -17.58 20.81
C ARG A 266 -0.10 -18.80 20.75
N LYS A 267 0.00 -19.61 19.69
CA LYS A 267 -0.94 -20.70 19.47
C LYS A 267 -0.79 -21.86 20.46
N GLU A 268 0.44 -22.19 20.88
CA GLU A 268 0.56 -23.32 21.81
C GLU A 268 -0.19 -23.02 23.10
N GLY A 269 -0.13 -21.78 23.58
CA GLY A 269 -0.79 -21.41 24.83
C GLY A 269 -2.31 -21.38 24.69
N GLN A 270 -2.81 -21.27 23.45
CA GLN A 270 -4.26 -21.26 23.18
C GLN A 270 -4.83 -22.70 23.06
N ARG A 271 -3.99 -23.75 23.15
CA ARG A 271 -4.54 -25.13 23.04
C ARG A 271 -5.39 -25.49 24.26
N GLN A 272 -6.51 -26.14 23.98
CA GLN A 272 -7.44 -26.60 25.03
C GLN A 272 -6.64 -27.31 26.12
N GLU A 273 -5.69 -28.14 25.71
CA GLU A 273 -4.86 -28.94 26.65
C GLU A 273 -4.06 -28.04 27.60
N ASN A 274 -3.82 -26.79 27.18
CA ASN A 274 -2.91 -25.89 27.91
C ASN A 274 -3.64 -24.73 28.60
N LYS A 275 -4.93 -24.55 28.32
CA LYS A 275 -5.75 -23.47 28.89
C LYS A 275 -5.52 -23.35 30.39
N ASN A 276 -5.56 -24.46 31.13
CA ASN A 276 -5.59 -24.29 32.59
C ASN A 276 -4.16 -24.35 33.16
N LYS A 277 -3.18 -24.24 32.27
CA LYS A 277 -1.77 -24.03 32.67
C LYS A 277 -1.39 -22.54 32.71
N ASN A 278 -2.33 -21.66 32.39
CA ASN A 278 -2.13 -20.21 32.24
C ASN A 278 -2.84 -19.49 33.40
N ARG A 279 -2.16 -18.59 34.07
CA ARG A 279 -2.77 -17.84 35.18
C ARG A 279 -3.94 -17.00 34.67
N TYR A 280 -3.73 -16.38 33.52
CA TYR A 280 -4.74 -15.58 32.84
C TYR A 280 -4.87 -16.08 31.40
N LYS A 281 -6.09 -16.41 30.97
CA LYS A 281 -6.32 -17.16 29.73
C LYS A 281 -5.67 -16.46 28.52
N ASN A 282 -5.51 -15.13 28.53
CA ASN A 282 -5.07 -14.39 27.34
C ASN A 282 -3.68 -13.80 27.52
N ILE A 283 -3.00 -14.08 28.63
CA ILE A 283 -1.60 -13.66 28.77
C ILE A 283 -0.75 -14.91 28.50
N LEU A 284 -0.19 -14.99 27.30
CA LEU A 284 0.39 -16.25 26.78
C LEU A 284 1.79 -16.03 26.22
N PRO A 285 2.60 -17.12 26.23
CA PRO A 285 3.96 -17.05 25.71
C PRO A 285 3.96 -17.06 24.17
N PHE A 286 4.79 -16.20 23.56
CA PHE A 286 5.03 -16.31 22.14
C PHE A 286 5.58 -17.71 21.79
N ASP A 287 5.08 -18.26 20.69
CA ASP A 287 5.50 -19.59 20.24
C ASP A 287 7.00 -19.63 20.00
N HIS A 288 7.56 -18.53 19.51
CA HIS A 288 8.94 -18.56 18.97
C HIS A 288 9.96 -18.47 20.10
N THR A 289 9.57 -18.10 21.31
CA THR A 289 10.51 -18.03 22.44
C THR A 289 10.06 -18.85 23.66
N ARG A 290 8.96 -19.59 23.57
CA ARG A 290 8.42 -20.31 24.73
C ARG A 290 9.41 -21.41 25.12
N VAL A 291 9.44 -21.72 26.38
CA VAL A 291 10.23 -22.82 26.86
C VAL A 291 9.48 -24.12 26.57
N VAL A 292 10.10 -24.99 25.76
CA VAL A 292 9.51 -26.29 25.42
C VAL A 292 10.04 -27.36 26.39
N LEU A 293 9.14 -28.08 27.07
CA LEU A 293 9.56 -29.13 28.01
C LEU A 293 9.59 -30.47 27.28
N HIS A 294 10.70 -31.17 27.42
CA HIS A 294 10.91 -32.49 26.83
C HIS A 294 10.80 -33.55 27.94
N ASP A 295 10.77 -34.81 27.56
CA ASP A 295 10.78 -35.94 28.50
C ASP A 295 9.61 -35.95 29.47
N GLY A 296 8.43 -35.60 28.97
CA GLY A 296 7.25 -35.53 29.81
C GLY A 296 6.62 -36.90 29.98
N ASP A 297 5.82 -37.04 31.04
CA ASP A 297 4.88 -38.17 31.18
C ASP A 297 4.34 -38.63 29.80
N PRO A 298 4.80 -39.79 29.29
CA PRO A 298 4.28 -40.29 28.00
C PRO A 298 2.78 -40.63 28.02
N ASN A 299 2.23 -40.87 29.22
CA ASN A 299 0.79 -41.11 29.43
C ASN A 299 0.05 -39.80 29.74
N GLU A 300 0.29 -38.74 28.95
CA GLU A 300 -0.47 -37.49 29.08
C GLU A 300 -0.23 -36.61 27.84
N PRO A 301 -1.32 -36.21 27.17
CA PRO A 301 -1.35 -35.73 25.78
C PRO A 301 -0.32 -34.64 25.47
N VAL A 302 -0.47 -33.47 26.12
CA VAL A 302 0.44 -32.35 25.92
C VAL A 302 1.18 -32.12 27.24
N SER A 303 2.48 -32.43 27.26
CA SER A 303 3.31 -32.30 28.45
C SER A 303 4.49 -31.37 28.18
N ASP A 304 4.46 -30.65 27.05
CA ASP A 304 5.58 -29.80 26.64
C ASP A 304 5.39 -28.30 26.92
N TYR A 305 4.37 -27.91 27.68
CA TYR A 305 3.96 -26.50 27.73
C TYR A 305 4.07 -25.98 29.16
N ILE A 306 4.67 -24.80 29.26
CA ILE A 306 4.71 -23.95 30.45
C ILE A 306 4.58 -22.50 29.94
N ASN A 307 3.91 -21.67 30.73
CA ASN A 307 3.77 -20.26 30.40
C ASN A 307 5.06 -19.56 30.85
N ALA A 308 6.02 -19.56 29.92
CA ALA A 308 7.40 -19.11 30.17
C ALA A 308 8.07 -18.81 28.83
N ASN A 309 8.93 -17.81 28.79
CA ASN A 309 9.72 -17.51 27.57
C ASN A 309 11.20 -17.31 27.92
N ILE A 310 12.04 -17.74 27.00
CA ILE A 310 13.45 -17.45 27.03
C ILE A 310 13.64 -15.97 26.68
N ILE A 311 14.36 -15.24 27.52
CA ILE A 311 14.76 -13.86 27.19
C ILE A 311 16.29 -13.84 26.98
N MET A 312 16.66 -13.58 25.71
CA MET A 312 18.05 -13.53 25.25
C MET A 312 18.35 -12.07 24.85
N PRO A 313 19.17 -11.39 25.67
CA PRO A 313 19.45 -9.98 25.37
C PRO A 313 20.09 -9.88 23.99
N GLU A 314 19.58 -8.98 23.14
CA GLU A 314 20.09 -8.70 21.78
C GLU A 314 20.39 -7.21 21.67
N LYS A 325 25.28 -13.29 26.69
CA LYS A 325 25.94 -13.93 27.82
C LYS A 325 24.90 -14.44 28.82
N LYS A 326 24.44 -13.60 29.76
CA LYS A 326 23.44 -14.04 30.75
C LYS A 326 22.08 -14.09 30.07
N SER A 327 21.34 -15.21 30.14
CA SER A 327 19.95 -15.22 29.65
C SER A 327 18.96 -15.40 30.81
N TYR A 328 17.67 -15.25 30.51
CA TYR A 328 16.61 -15.31 31.51
C TYR A 328 15.47 -16.18 30.97
N ILE A 329 14.72 -16.70 31.89
CA ILE A 329 13.39 -17.18 31.64
C ILE A 329 12.39 -16.32 32.43
N ALA A 330 11.46 -15.71 31.71
CA ALA A 330 10.45 -14.91 32.31
C ALA A 330 9.20 -15.77 32.40
N THR A 331 8.64 -15.92 33.59
CA THR A 331 7.49 -16.81 33.70
C THR A 331 6.52 -16.27 34.75
N GLN A 332 5.35 -16.89 34.74
CA GLN A 332 4.27 -16.58 35.70
C GLN A 332 4.53 -17.24 37.06
N GLY A 333 3.79 -16.81 38.09
CA GLY A 333 3.67 -17.58 39.36
C GLY A 333 3.01 -18.92 39.06
N CYS A 334 3.45 -19.98 39.70
CA CYS A 334 2.81 -21.31 39.49
C CYS A 334 1.32 -21.31 39.83
N LEU A 335 0.59 -22.19 39.14
CA LEU A 335 -0.67 -22.71 39.60
C LEU A 335 -0.39 -24.03 40.34
N GLN A 336 -1.34 -24.47 41.15
CA GLN A 336 -1.24 -25.80 41.82
C GLN A 336 -0.79 -26.85 40.79
N ASN A 337 -1.43 -26.82 39.61
CA ASN A 337 -1.28 -27.86 38.57
C ASN A 337 -0.07 -27.57 37.67
N THR A 338 0.74 -26.52 37.93
CA THR A 338 1.95 -26.31 37.11
C THR A 338 3.23 -26.38 37.95
N VAL A 339 3.14 -26.60 39.27
CA VAL A 339 4.35 -26.65 40.07
C VAL A 339 5.30 -27.74 39.52
N ASN A 340 4.77 -28.91 39.17
CA ASN A 340 5.64 -29.99 38.63
C ASN A 340 6.35 -29.54 37.35
N ASP A 341 5.63 -28.84 36.47
CA ASP A 341 6.16 -28.32 35.20
C ASP A 341 7.26 -27.28 35.45
N PHE A 342 7.03 -26.41 36.42
CA PHE A 342 8.02 -25.42 36.82
C PHE A 342 9.36 -26.10 37.21
N TRP A 343 9.33 -27.11 38.05
CA TRP A 343 10.57 -27.82 38.41
C TRP A 343 11.15 -28.59 37.21
N ARG A 344 10.33 -29.21 36.37
CA ARG A 344 10.87 -29.80 35.11
C ARG A 344 11.64 -28.74 34.31
N MET A 345 11.08 -27.53 34.26
CA MET A 345 11.73 -26.43 33.52
C MET A 345 13.07 -26.06 34.15
N VAL A 346 13.12 -25.82 35.46
CA VAL A 346 14.38 -25.43 36.13
C VAL A 346 15.46 -26.49 35.87
N PHE A 347 15.10 -27.77 36.06
CA PHE A 347 16.03 -28.86 35.90
C PHE A 347 16.54 -28.95 34.45
N GLN A 348 15.63 -28.94 33.50
CA GLN A 348 15.96 -29.09 32.07
C GLN A 348 16.87 -27.97 31.56
N GLU A 349 16.62 -26.76 32.01
CA GLU A 349 17.33 -25.58 31.52
C GLU A 349 18.61 -25.35 32.33
N ASN A 350 18.82 -26.13 33.41
CA ASN A 350 20.04 -26.03 34.20
C ASN A 350 20.08 -24.69 34.96
N SER A 351 18.93 -24.07 35.23
CA SER A 351 18.86 -22.86 36.02
C SER A 351 19.29 -23.16 37.46
N ARG A 352 20.08 -22.23 38.00
CA ARG A 352 20.62 -22.33 39.33
C ARG A 352 20.18 -21.16 40.20
N VAL A 353 19.41 -20.20 39.65
CA VAL A 353 19.01 -19.02 40.38
C VAL A 353 17.60 -18.65 39.91
N ILE A 354 16.72 -18.44 40.90
CA ILE A 354 15.35 -18.04 40.70
C ILE A 354 15.15 -16.72 41.42
N VAL A 355 14.54 -15.78 40.71
CA VAL A 355 14.09 -14.54 41.31
C VAL A 355 12.56 -14.52 41.36
N MET A 356 11.98 -14.36 42.56
CA MET A 356 10.53 -14.17 42.78
C MET A 356 10.27 -12.70 43.06
N THR A 357 9.33 -12.12 42.33
CA THR A 357 9.10 -10.68 42.32
C THR A 357 7.88 -10.29 43.15
N THR A 358 7.16 -11.23 43.78
CA THR A 358 6.02 -10.85 44.62
C THR A 358 5.98 -11.69 45.89
N LYS A 359 5.27 -11.22 46.91
CA LYS A 359 4.93 -12.11 48.05
C LYS A 359 4.01 -13.22 47.53
N GLU A 360 3.81 -14.26 48.33
CA GLU A 360 2.92 -15.34 47.92
C GLU A 360 1.50 -14.77 47.80
N VAL A 361 1.24 -13.84 48.69
CA VAL A 361 -0.07 -13.27 48.82
C VAL A 361 0.06 -11.74 48.88
N GLU A 362 -0.75 -11.04 48.08
CA GLU A 362 -0.83 -9.57 48.17
C GLU A 362 -2.29 -9.12 48.06
N ARG A 363 -2.68 -8.19 48.93
CA ARG A 363 -4.05 -7.66 49.00
C ARG A 363 -5.03 -8.81 49.23
N GLY A 364 -4.59 -9.82 49.98
CA GLY A 364 -5.40 -10.99 50.27
C GLY A 364 -5.54 -11.93 49.08
N LYS A 365 -4.79 -11.69 48.02
CA LYS A 365 -4.90 -12.48 46.79
C LYS A 365 -3.59 -13.20 46.52
N SER A 366 -3.72 -14.42 45.99
CA SER A 366 -2.57 -15.26 45.68
C SER A 366 -1.90 -14.69 44.42
N LYS A 367 -0.62 -14.38 44.57
CA LYS A 367 0.18 -13.79 43.50
C LYS A 367 1.30 -14.76 43.10
N CYS A 368 1.68 -15.71 43.96
CA CYS A 368 2.75 -16.63 43.59
C CYS A 368 2.66 -17.83 44.53
N VAL A 369 2.14 -18.96 44.05
CA VAL A 369 1.84 -20.03 44.94
C VAL A 369 3.15 -20.69 45.40
N LYS A 370 3.12 -21.21 46.63
CA LYS A 370 4.34 -21.76 47.25
C LYS A 370 4.71 -23.03 46.51
N TYR A 371 5.92 -23.10 45.93
CA TYR A 371 6.31 -24.28 45.14
C TYR A 371 7.58 -24.92 45.72
N TRP A 372 7.94 -24.55 46.94
CA TRP A 372 9.18 -25.00 47.55
C TRP A 372 8.83 -25.59 48.91
N PRO A 373 9.65 -26.49 49.44
CA PRO A 373 9.37 -27.00 50.74
C PRO A 373 9.69 -26.03 51.89
N ASP A 374 9.04 -26.23 53.03
CA ASP A 374 9.46 -25.56 54.29
C ASP A 374 10.94 -25.77 54.55
N GLU A 375 11.54 -24.90 55.35
CA GLU A 375 12.97 -24.98 55.65
C GLU A 375 13.28 -26.35 56.27
N TYR A 376 14.41 -26.95 55.85
CA TYR A 376 14.93 -28.27 56.24
C TYR A 376 14.09 -29.43 55.67
N ALA A 377 12.96 -29.20 55.03
CA ALA A 377 12.12 -30.31 54.63
C ALA A 377 12.47 -30.73 53.19
N LEU A 378 11.92 -31.88 52.82
CA LEU A 378 12.17 -32.46 51.52
C LEU A 378 10.83 -32.83 50.87
N LYS A 379 10.56 -32.43 49.63
CA LYS A 379 9.29 -32.77 48.96
C LYS A 379 9.61 -33.31 47.56
N GLU A 380 8.74 -34.14 47.07
CA GLU A 380 8.75 -34.55 45.69
C GLU A 380 7.67 -33.82 44.90
N TYR A 381 8.06 -33.35 43.73
CA TYR A 381 7.20 -32.65 42.82
C TYR A 381 7.22 -33.42 41.50
N GLY A 382 6.28 -34.35 41.35
CA GLY A 382 6.41 -35.37 40.31
C GLY A 382 7.74 -36.13 40.39
N VAL A 383 8.47 -36.10 39.28
CA VAL A 383 9.74 -36.81 39.10
C VAL A 383 10.90 -36.01 39.74
N MET A 384 10.67 -34.78 40.21
CA MET A 384 11.71 -33.95 40.80
C MET A 384 11.60 -33.97 42.34
N ARG A 385 12.73 -33.79 42.98
CA ARG A 385 12.84 -33.77 44.43
C ARG A 385 13.56 -32.48 44.81
N VAL A 386 13.06 -31.78 45.81
CA VAL A 386 13.61 -30.54 46.25
C VAL A 386 13.79 -30.59 47.77
N ARG A 387 15.00 -30.29 48.22
CA ARG A 387 15.24 -30.06 49.64
C ARG A 387 15.44 -28.56 49.85
N ASN A 388 14.84 -27.98 50.90
CA ASN A 388 15.13 -26.61 51.33
C ASN A 388 16.21 -26.70 52.42
N VAL A 389 17.45 -26.40 52.05
CA VAL A 389 18.60 -26.60 52.91
C VAL A 389 18.65 -25.53 54.00
N LYS A 390 18.42 -24.28 53.63
CA LYS A 390 18.62 -23.14 54.54
C LYS A 390 17.94 -21.90 53.95
N GLU A 391 17.25 -21.15 54.82
CA GLU A 391 16.67 -19.84 54.49
C GLU A 391 17.47 -18.77 55.22
N SER A 392 17.72 -17.66 54.54
CA SER A 392 18.45 -16.54 55.08
C SER A 392 17.64 -15.27 54.82
N ALA A 393 17.29 -14.53 55.86
CA ALA A 393 16.51 -13.29 55.69
C ALA A 393 17.47 -12.12 55.54
N ALA A 394 17.18 -11.28 54.54
CA ALA A 394 17.79 -9.99 54.39
C ALA A 394 16.67 -8.95 54.53
N HIS A 395 17.01 -7.67 54.47
CA HIS A 395 16.01 -6.64 54.63
C HIS A 395 14.94 -6.72 53.54
N ASP A 396 15.35 -6.78 52.29
CA ASP A 396 14.39 -6.69 51.20
C ASP A 396 14.01 -8.01 50.61
N TYR A 397 14.70 -9.09 51.03
CA TYR A 397 14.45 -10.39 50.43
C TYR A 397 14.84 -11.51 51.39
N THR A 398 14.36 -12.72 51.05
CA THR A 398 14.73 -13.96 51.66
C THR A 398 15.40 -14.83 50.62
N LEU A 399 16.51 -15.42 51.01
CA LEU A 399 17.21 -16.37 50.16
C LEU A 399 16.94 -17.80 50.64
N ARG A 400 16.50 -18.67 49.74
CA ARG A 400 16.35 -20.08 50.07
C ARG A 400 17.33 -20.89 49.22
N GLU A 401 18.16 -21.63 49.93
CA GLU A 401 19.09 -22.55 49.30
C GLU A 401 18.37 -23.90 49.12
N LEU A 402 18.02 -24.22 47.87
CA LEU A 402 17.26 -25.41 47.52
C LEU A 402 18.21 -26.40 46.86
N LYS A 403 17.99 -27.69 47.08
CA LYS A 403 18.70 -28.72 46.32
C LYS A 403 17.70 -29.45 45.45
N LEU A 404 17.97 -29.50 44.16
CA LEU A 404 17.06 -30.06 43.16
C LEU A 404 17.72 -31.29 42.52
N SER A 405 16.96 -32.36 42.39
CA SER A 405 17.43 -33.62 41.83
C SER A 405 16.24 -34.34 41.19
N LYS A 406 16.55 -35.29 40.31
CA LYS A 406 15.53 -36.12 39.77
C LYS A 406 15.44 -37.37 40.64
N VAL A 407 14.22 -37.78 40.97
CA VAL A 407 14.00 -39.02 41.73
C VAL A 407 14.62 -40.20 41.00
N GLY A 408 15.30 -41.06 41.75
CA GLY A 408 15.94 -42.24 41.23
C GLY A 408 17.30 -41.98 40.60
N GLN A 409 17.81 -40.75 40.66
CA GLN A 409 19.12 -40.42 40.05
C GLN A 409 19.90 -39.48 40.99
N THR A 412 22.31 -36.30 39.99
CA THR A 412 21.68 -35.19 39.30
C THR A 412 21.53 -33.97 40.21
N GLU A 413 21.89 -34.08 41.49
CA GLU A 413 21.58 -33.02 42.44
C GLU A 413 22.28 -31.72 42.02
N ARG A 414 21.60 -30.57 42.05
CA ARG A 414 22.29 -29.23 41.98
C ARG A 414 21.61 -28.26 42.94
N THR A 415 22.34 -27.28 43.43
CA THR A 415 21.77 -26.23 44.26
C THR A 415 21.10 -25.18 43.38
N VAL A 416 19.90 -24.77 43.79
CA VAL A 416 19.18 -23.69 43.14
C VAL A 416 18.92 -22.64 44.22
N TRP A 417 19.44 -21.44 43.98
CA TRP A 417 19.33 -20.32 44.89
C TRP A 417 18.15 -19.43 44.52
N GLN A 418 17.23 -19.32 45.45
CA GLN A 418 15.96 -18.65 45.19
C GLN A 418 15.96 -17.35 45.98
N TYR A 419 15.92 -16.28 45.25
CA TYR A 419 15.92 -14.94 45.83
C TYR A 419 14.49 -14.41 45.77
N HIS A 420 13.84 -14.32 46.92
CA HIS A 420 12.47 -13.95 47.04
C HIS A 420 12.38 -12.50 47.48
N PHE A 421 12.18 -11.58 46.52
CA PHE A 421 12.03 -10.16 46.84
C PHE A 421 10.70 -9.91 47.55
N ARG A 422 10.73 -9.25 48.71
CA ARG A 422 9.56 -9.25 49.58
C ARG A 422 8.99 -7.84 49.76
N THR A 423 9.71 -6.78 49.37
CA THR A 423 9.31 -5.45 49.81
C THR A 423 8.77 -4.60 48.65
N TRP A 424 8.56 -5.15 47.48
CA TRP A 424 7.92 -4.37 46.40
C TRP A 424 6.51 -3.95 46.85
N PRO A 425 6.16 -2.66 46.70
CA PRO A 425 4.81 -2.24 47.16
C PRO A 425 3.68 -2.93 46.35
N ASP A 426 2.47 -2.94 46.91
CA ASP A 426 1.36 -3.71 46.31
C ASP A 426 0.88 -3.05 45.01
N HIS A 427 0.97 -1.72 44.97
CA HIS A 427 0.70 -0.92 43.75
C HIS A 427 1.89 0.02 43.46
N GLY A 428 2.11 0.35 42.20
CA GLY A 428 3.24 1.22 41.83
C GLY A 428 4.59 0.54 41.97
N VAL A 429 5.62 1.34 42.20
CA VAL A 429 6.98 0.81 42.23
C VAL A 429 7.65 1.35 43.50
N PRO A 430 8.78 0.77 43.91
CA PRO A 430 9.50 1.30 45.06
C PRO A 430 9.86 2.78 44.88
N SER A 431 9.87 3.55 45.96
CA SER A 431 10.20 4.97 45.87
C SER A 431 11.72 5.15 45.81
N ASP A 432 12.48 4.17 46.28
CA ASP A 432 13.96 4.15 46.12
C ASP A 432 14.42 2.84 45.45
N PRO A 433 15.29 2.93 44.41
CA PRO A 433 15.79 1.71 43.76
C PRO A 433 16.95 0.97 44.45
N GLY A 434 17.47 1.46 45.57
CA GLY A 434 18.66 0.88 46.20
C GLY A 434 18.45 -0.59 46.54
N GLY A 435 17.28 -0.91 47.08
CA GLY A 435 17.02 -2.29 47.53
C GLY A 435 16.96 -3.29 46.39
N VAL A 436 16.31 -2.91 45.30
CA VAL A 436 16.27 -3.71 44.07
C VAL A 436 17.69 -3.87 43.51
N LEU A 437 18.47 -2.78 43.47
CA LEU A 437 19.81 -2.82 42.88
C LEU A 437 20.73 -3.70 43.73
N ASP A 438 20.72 -3.55 45.05
CA ASP A 438 21.49 -4.42 45.99
C ASP A 438 21.12 -5.90 45.85
N PHE A 439 19.84 -6.17 45.69
CA PHE A 439 19.33 -7.50 45.35
C PHE A 439 19.87 -8.03 44.02
N LEU A 440 19.73 -7.27 42.94
CA LEU A 440 20.20 -7.73 41.61
C LEU A 440 21.73 -7.88 41.59
N GLU A 441 22.44 -7.07 42.37
CA GLU A 441 23.89 -7.22 42.43
C GLU A 441 24.23 -8.59 43.03
N GLU A 442 23.54 -8.96 44.11
CA GLU A 442 23.79 -10.26 44.76
C GLU A 442 23.36 -11.41 43.82
N VAL A 443 22.19 -11.32 43.21
CA VAL A 443 21.72 -12.31 42.22
C VAL A 443 22.77 -12.48 41.13
N HIS A 444 23.34 -11.36 40.65
CA HIS A 444 24.34 -11.41 39.59
C HIS A 444 25.59 -12.20 40.02
N HIS A 445 26.08 -11.93 41.22
CA HIS A 445 27.30 -12.56 41.65
C HIS A 445 27.06 -14.06 41.89
N LYS A 446 25.91 -14.42 42.42
CA LYS A 446 25.61 -15.85 42.60
C LYS A 446 25.70 -16.55 41.25
N GLN A 447 25.01 -15.99 40.25
CA GLN A 447 24.97 -16.55 38.91
C GLN A 447 26.39 -16.68 38.35
N GLU A 448 27.18 -15.64 38.48
CA GLU A 448 28.52 -15.65 37.89
C GLU A 448 29.42 -16.69 38.59
N SER A 449 29.11 -17.04 39.85
CA SER A 449 29.95 -17.96 40.62
C SER A 449 29.74 -19.41 40.17
N ILE A 450 28.71 -19.70 39.37
CA ILE A 450 28.39 -21.12 39.10
C ILE A 450 28.71 -21.43 37.63
N MET A 451 29.68 -22.32 37.41
CA MET A 451 30.15 -22.58 36.05
C MET A 451 28.99 -23.20 35.27
N ASP A 452 28.79 -22.71 34.07
CA ASP A 452 27.78 -23.21 33.17
C ASP A 452 26.32 -23.18 33.67
N ALA A 453 26.00 -22.34 34.68
CA ALA A 453 24.60 -22.13 35.12
C ALA A 453 23.73 -21.75 33.91
N GLY A 454 22.51 -22.27 33.86
CA GLY A 454 21.53 -21.89 32.85
C GLY A 454 20.91 -20.53 33.07
N PRO A 455 19.81 -20.26 32.37
CA PRO A 455 19.18 -18.95 32.47
C PRO A 455 18.65 -18.70 33.87
N VAL A 456 18.70 -17.44 34.31
CA VAL A 456 18.10 -17.00 35.56
C VAL A 456 16.58 -16.93 35.39
N VAL A 457 15.86 -17.61 36.28
CA VAL A 457 14.41 -17.66 36.21
C VAL A 457 13.88 -16.46 36.98
N VAL A 458 12.95 -15.73 36.37
CA VAL A 458 12.40 -14.54 37.02
C VAL A 458 10.88 -14.64 36.91
N HIS A 459 10.15 -14.56 38.04
CA HIS A 459 8.73 -14.84 37.98
C HIS A 459 7.95 -14.24 39.14
N CYS A 460 6.63 -14.50 38.97
CA CYS A 460 5.47 -14.37 39.86
C CYS A 460 4.36 -13.61 39.10
N SER A 461 3.20 -13.51 39.71
CA SER A 461 2.07 -12.90 39.10
C SER A 461 1.94 -13.41 37.65
N ALA A 462 1.76 -12.50 36.69
CA ALA A 462 1.58 -12.87 35.31
C ALA A 462 2.95 -13.02 34.63
N GLY A 463 4.02 -12.55 35.28
CA GLY A 463 5.38 -12.64 34.77
C GLY A 463 5.69 -11.68 33.61
N ILE A 464 5.11 -10.49 33.61
CA ILE A 464 5.42 -9.49 32.56
C ILE A 464 5.78 -8.12 33.15
N GLY A 465 5.15 -7.68 34.24
CA GLY A 465 5.34 -6.35 34.80
C GLY A 465 6.59 -6.19 35.65
N ARG A 466 6.52 -6.64 36.89
CA ARG A 466 7.72 -6.60 37.74
C ARG A 466 8.82 -7.45 37.12
N THR A 467 8.44 -8.61 36.58
CA THR A 467 9.40 -9.53 35.95
C THR A 467 10.16 -8.82 34.81
N GLY A 468 9.40 -8.15 33.94
CA GLY A 468 10.04 -7.42 32.87
C GLY A 468 10.88 -6.28 33.40
N THR A 469 10.44 -5.64 34.48
CA THR A 469 11.18 -4.52 35.09
C THR A 469 12.53 -5.00 35.63
N PHE A 470 12.53 -6.05 36.45
CA PHE A 470 13.75 -6.65 36.98
C PHE A 470 14.73 -7.09 35.86
N ILE A 471 14.26 -7.81 34.86
CA ILE A 471 15.11 -8.28 33.76
C ILE A 471 15.72 -7.08 32.99
N VAL A 472 14.94 -6.08 32.64
CA VAL A 472 15.50 -4.89 31.93
C VAL A 472 16.55 -4.15 32.77
N ILE A 473 16.28 -3.91 34.06
CA ILE A 473 17.25 -3.29 34.87
C ILE A 473 18.52 -4.14 34.84
N ASP A 474 18.34 -5.46 35.01
CA ASP A 474 19.45 -6.36 35.00
C ASP A 474 20.30 -6.32 33.73
N ILE A 475 19.64 -6.29 32.59
CA ILE A 475 20.39 -6.15 31.30
C ILE A 475 21.17 -4.83 31.29
N LEU A 476 20.53 -3.73 31.67
CA LEU A 476 21.15 -2.44 31.52
C LEU A 476 22.35 -2.35 32.45
N ILE A 477 22.21 -2.79 33.70
CA ILE A 477 23.28 -2.62 34.68
C ILE A 477 24.44 -3.55 34.28
N ASP A 478 24.11 -4.71 33.73
CA ASP A 478 25.14 -5.63 33.22
C ASP A 478 26.06 -4.96 32.21
N ILE A 479 25.49 -4.29 31.19
CA ILE A 479 26.31 -3.52 30.23
C ILE A 479 27.27 -2.64 31.04
N ILE A 480 26.73 -1.89 31.98
CA ILE A 480 27.48 -0.82 32.62
C ILE A 480 28.58 -1.44 33.50
N ARG A 481 28.27 -2.54 34.17
CA ARG A 481 29.25 -3.27 35.02
C ARG A 481 30.43 -3.78 34.17
N GLU A 482 30.16 -4.27 32.95
CA GLU A 482 31.21 -4.77 32.04
C GLU A 482 32.00 -3.61 31.41
N LYS A 483 31.35 -2.50 31.03
CA LYS A 483 32.03 -1.42 30.22
C LYS A 483 32.46 -0.24 31.11
N GLY A 484 31.58 0.20 32.00
CA GLY A 484 31.81 1.36 32.84
C GLY A 484 30.80 2.45 32.58
N VAL A 485 31.00 3.60 33.22
CA VAL A 485 30.05 4.71 33.10
C VAL A 485 30.05 5.25 31.66
N ASP A 486 31.11 4.99 30.88
CA ASP A 486 31.20 5.48 29.47
C ASP A 486 30.83 4.45 28.36
N CYS A 487 29.66 3.85 28.51
CA CYS A 487 29.06 2.96 27.51
C CYS A 487 27.74 3.57 27.02
N ASP A 488 27.23 3.17 25.86
CA ASP A 488 25.90 3.63 25.44
C ASP A 488 24.76 2.71 25.83
N ILE A 489 23.73 3.29 26.42
CA ILE A 489 22.50 2.59 26.66
C ILE A 489 21.34 3.29 25.92
N ASP A 490 20.32 2.47 25.61
CA ASP A 490 19.09 2.88 24.94
C ASP A 490 17.95 2.09 25.60
N VAL A 491 17.31 2.76 26.59
CA VAL A 491 16.32 2.13 27.49
C VAL A 491 15.11 1.62 26.69
N PRO A 492 14.48 2.48 25.84
CA PRO A 492 13.32 2.06 25.11
C PRO A 492 13.69 1.01 24.05
N LYS A 493 14.86 1.09 23.44
CA LYS A 493 15.32 0.04 22.48
C LYS A 493 15.40 -1.32 23.17
N THR A 494 16.00 -1.32 24.35
CA THR A 494 16.20 -2.52 25.14
C THR A 494 14.84 -3.14 25.52
N ILE A 495 13.88 -2.34 25.93
CA ILE A 495 12.55 -2.85 26.34
C ILE A 495 11.84 -3.47 25.14
N GLN A 496 11.95 -2.83 23.98
CA GLN A 496 11.26 -3.33 22.79
C GLN A 496 11.84 -4.71 22.38
N MET A 497 13.16 -4.86 22.47
CA MET A 497 13.85 -6.10 22.27
C MET A 497 13.33 -7.18 23.25
N VAL A 498 13.13 -6.85 24.53
CA VAL A 498 12.63 -7.88 25.49
C VAL A 498 11.14 -8.19 25.26
N ARG A 499 10.35 -7.17 24.93
CA ARG A 499 8.93 -7.27 24.55
C ARG A 499 8.74 -8.10 23.27
N SER A 500 9.72 -8.16 22.37
CA SER A 500 9.63 -9.07 21.23
C SER A 500 9.79 -10.55 21.68
N GLN A 501 10.20 -10.82 22.93
CA GLN A 501 10.40 -12.20 23.36
C GLN A 501 9.38 -12.65 24.41
N ARG A 502 8.66 -11.72 25.03
CA ARG A 502 7.47 -12.07 25.85
C ARG A 502 6.56 -10.85 25.90
N SER A 503 5.27 -11.12 25.79
CA SER A 503 4.25 -10.11 25.68
C SER A 503 4.29 -9.12 26.85
N GLY A 504 4.38 -7.81 26.54
CA GLY A 504 4.05 -6.77 27.51
C GLY A 504 5.12 -6.60 28.59
N MET A 505 6.33 -7.06 28.35
CA MET A 505 7.35 -6.95 29.39
C MET A 505 7.54 -5.45 29.69
N VAL A 506 7.43 -5.11 30.97
CA VAL A 506 7.33 -3.74 31.51
C VAL A 506 5.95 -3.17 31.19
N GLN A 507 5.12 -3.08 32.22
CA GLN A 507 3.70 -2.78 32.07
C GLN A 507 3.39 -1.28 32.12
N THR A 508 4.09 -0.48 32.92
CA THR A 508 3.60 0.84 33.21
C THR A 508 4.69 1.89 33.10
N GLU A 509 4.22 3.12 32.96
CA GLU A 509 5.07 4.32 32.92
C GLU A 509 5.86 4.45 34.23
N ALA A 510 5.25 4.07 35.34
CA ALA A 510 5.94 4.10 36.64
C ALA A 510 7.11 3.12 36.65
N GLN A 511 6.94 1.95 36.08
CA GLN A 511 8.05 0.99 35.97
C GLN A 511 9.10 1.54 35.01
N TYR A 512 8.63 2.16 33.95
CA TYR A 512 9.54 2.68 32.96
C TYR A 512 10.45 3.73 33.60
N ARG A 513 9.86 4.66 34.35
CA ARG A 513 10.59 5.68 35.11
C ARG A 513 11.51 5.04 36.16
N PHE A 514 11.03 3.96 36.81
CA PHE A 514 11.81 3.30 37.83
C PHE A 514 13.08 2.71 37.21
N ILE A 515 13.02 2.20 35.98
CA ILE A 515 14.19 1.63 35.29
C ILE A 515 15.25 2.73 35.12
N TYR A 516 14.86 3.91 34.63
CA TYR A 516 15.80 5.01 34.49
C TYR A 516 16.37 5.40 35.86
N MET A 517 15.55 5.40 36.91
CA MET A 517 16.02 5.79 38.26
C MET A 517 17.06 4.78 38.74
N ALA A 518 16.79 3.49 38.55
CA ALA A 518 17.70 2.41 38.97
C ALA A 518 19.04 2.54 38.25
N VAL A 519 18.99 2.75 36.92
CA VAL A 519 20.22 2.97 36.13
C VAL A 519 20.94 4.22 36.69
N GLN A 520 20.19 5.29 36.92
CA GLN A 520 20.81 6.53 37.41
C GLN A 520 21.57 6.24 38.71
N HIS A 521 20.86 5.63 39.65
CA HIS A 521 21.37 5.29 40.99
C HIS A 521 22.58 4.36 40.88
N TYR A 522 22.50 3.33 40.04
CA TYR A 522 23.64 2.41 39.86
C TYR A 522 24.90 3.21 39.45
N ILE A 523 24.72 4.10 38.47
CA ILE A 523 25.84 4.88 37.92
C ILE A 523 26.48 5.73 39.05
N GLU A 524 25.66 6.33 39.92
CA GLU A 524 26.14 7.18 41.06
C GLU A 524 26.97 6.35 42.05
N THR A 525 26.51 5.15 42.38
CA THR A 525 27.20 4.32 43.37
C THR A 525 28.54 3.85 42.79
N LEU A 526 28.57 3.61 41.48
CA LEU A 526 29.79 3.20 40.76
C LEU A 526 30.70 4.42 40.61
N GLN A 527 30.12 5.56 40.28
CA GLN A 527 30.89 6.76 40.00
C GLN A 527 32.03 6.86 41.02
N ARG A 528 31.71 6.67 42.30
CA ARG A 528 32.73 6.67 43.34
C ARG A 528 32.22 5.89 44.56
N SER B 4 -4.99 6.47 -9.55
CA SER B 4 -5.09 5.92 -10.93
C SER B 4 -6.25 6.60 -11.69
N ARG B 5 -5.96 7.79 -12.20
CA ARG B 5 -6.87 8.64 -13.03
C ARG B 5 -8.14 8.99 -12.25
N ARG B 6 -8.00 9.14 -10.95
CA ARG B 6 -9.13 9.43 -10.08
C ARG B 6 -9.58 10.89 -10.28
N TRP B 7 -8.74 11.72 -10.90
CA TRP B 7 -9.01 13.14 -11.07
C TRP B 7 -10.01 13.40 -12.20
N PHE B 8 -10.43 12.36 -12.93
CA PHE B 8 -11.46 12.54 -13.95
C PHE B 8 -12.83 12.20 -13.34
N HIS B 9 -13.78 13.08 -13.50
CA HIS B 9 -15.12 12.96 -12.91
C HIS B 9 -16.15 12.87 -14.03
N PRO B 10 -16.61 11.65 -14.36
CA PRO B 10 -17.47 11.44 -15.56
C PRO B 10 -18.88 12.03 -15.44
N ASN B 11 -19.44 12.11 -14.23
CA ASN B 11 -20.86 12.48 -14.05
C ASN B 11 -20.99 13.74 -13.18
N ILE B 12 -20.23 14.78 -13.49
CA ILE B 12 -20.28 16.02 -12.71
C ILE B 12 -20.55 17.21 -13.65
N THR B 13 -21.36 18.15 -13.17
CA THR B 13 -21.57 19.43 -13.83
C THR B 13 -20.47 20.42 -13.40
N GLY B 14 -20.36 21.51 -14.14
CA GLY B 14 -19.43 22.59 -13.85
C GLY B 14 -19.67 23.18 -12.47
N VAL B 15 -20.94 23.42 -12.14
CA VAL B 15 -21.33 23.97 -10.83
C VAL B 15 -20.85 22.99 -9.74
N GLU B 16 -21.07 21.70 -9.95
CA GLU B 16 -20.64 20.72 -8.95
C GLU B 16 -19.10 20.75 -8.84
N ALA B 17 -18.41 20.84 -9.97
CA ALA B 17 -16.94 20.86 -9.97
C ALA B 17 -16.41 22.07 -9.17
N GLU B 18 -17.07 23.23 -9.30
CA GLU B 18 -16.59 24.44 -8.64
C GLU B 18 -16.64 24.23 -7.13
N ASN B 19 -17.78 23.76 -6.65
CA ASN B 19 -18.05 23.59 -5.22
C ASN B 19 -17.10 22.54 -4.65
N LEU B 20 -16.87 21.46 -5.40
CA LEU B 20 -15.94 20.42 -4.97
C LEU B 20 -14.55 21.03 -4.73
N LEU B 21 -14.11 21.84 -5.70
CA LEU B 21 -12.78 22.43 -5.66
C LEU B 21 -12.68 23.48 -4.54
N LEU B 22 -13.79 24.16 -4.25
CA LEU B 22 -13.78 25.23 -3.25
C LEU B 22 -13.97 24.67 -1.84
N THR B 23 -14.63 23.51 -1.70
CA THR B 23 -14.91 22.96 -0.37
C THR B 23 -13.90 21.86 0.00
N ARG B 24 -13.39 21.11 -0.99
CA ARG B 24 -12.48 20.01 -0.66
C ARG B 24 -11.11 20.19 -1.33
N GLY B 25 -10.94 21.21 -2.16
CA GLY B 25 -9.64 21.49 -2.74
C GLY B 25 -8.97 22.69 -2.09
N VAL B 26 -7.75 22.94 -2.54
CA VAL B 26 -6.95 24.09 -2.15
C VAL B 26 -6.43 24.72 -3.45
N ASP B 27 -5.61 25.77 -3.36
CA ASP B 27 -5.04 26.32 -4.58
C ASP B 27 -4.06 25.29 -5.17
N GLY B 28 -4.22 25.05 -6.47
CA GLY B 28 -3.50 24.00 -7.19
C GLY B 28 -4.32 22.72 -7.36
N SER B 29 -5.44 22.57 -6.65
CA SER B 29 -6.33 21.41 -6.90
C SER B 29 -6.96 21.51 -8.30
N PHE B 30 -7.23 20.35 -8.89
CA PHE B 30 -7.81 20.32 -10.20
C PHE B 30 -8.56 19.01 -10.41
N LEU B 31 -9.43 19.01 -11.42
CA LEU B 31 -10.07 17.83 -11.94
C LEU B 31 -10.35 18.03 -13.43
N ALA B 32 -10.69 16.95 -14.11
CA ALA B 32 -11.15 17.01 -15.50
C ALA B 32 -12.52 16.32 -15.59
N ARG B 33 -13.34 16.76 -16.54
CA ARG B 33 -14.71 16.24 -16.66
C ARG B 33 -15.15 16.34 -18.13
N PRO B 34 -16.17 15.55 -18.52
CA PRO B 34 -16.81 15.73 -19.81
C PRO B 34 -17.45 17.12 -19.84
N SER B 35 -17.32 17.82 -20.96
CA SER B 35 -18.03 19.07 -21.11
C SER B 35 -19.50 18.75 -21.37
N LYS B 36 -20.39 19.47 -20.68
CA LYS B 36 -21.83 19.34 -20.87
C LYS B 36 -22.26 20.24 -22.04
N SER B 37 -21.68 21.43 -22.08
CA SER B 37 -22.00 22.46 -23.08
C SER B 37 -21.61 22.01 -24.50
N ASN B 38 -20.40 21.45 -24.68
CA ASN B 38 -19.98 21.00 -26.01
C ASN B 38 -19.65 19.50 -25.94
N PRO B 39 -20.67 18.63 -26.07
CA PRO B 39 -20.52 17.17 -26.03
C PRO B 39 -19.35 16.68 -26.90
N GLY B 40 -18.65 15.66 -26.40
CA GLY B 40 -17.45 15.16 -27.07
C GLY B 40 -16.20 15.94 -26.69
N ASP B 41 -16.33 17.05 -25.97
CA ASP B 41 -15.16 17.78 -25.47
C ASP B 41 -15.00 17.63 -23.95
N PHE B 42 -14.04 18.34 -23.36
CA PHE B 42 -13.70 18.13 -21.95
C PHE B 42 -13.31 19.46 -21.32
N THR B 43 -13.31 19.46 -20.00
CA THR B 43 -12.97 20.66 -19.28
C THR B 43 -11.96 20.30 -18.18
N LEU B 44 -10.93 21.13 -18.05
CA LEU B 44 -9.98 21.06 -16.97
C LEU B 44 -10.36 22.16 -15.97
N SER B 45 -10.76 21.75 -14.76
CA SER B 45 -11.23 22.71 -13.78
C SER B 45 -10.17 22.85 -12.67
N VAL B 46 -9.69 24.07 -12.45
CA VAL B 46 -8.50 24.28 -11.61
C VAL B 46 -8.77 25.38 -10.59
N ARG B 47 -8.40 25.15 -9.32
CA ARG B 47 -8.46 26.15 -8.25
C ARG B 47 -7.17 26.99 -8.23
N ARG B 48 -7.33 28.30 -8.17
CA ARG B 48 -6.19 29.21 -8.07
C ARG B 48 -6.64 30.47 -7.33
N ASN B 49 -5.84 30.91 -6.36
CA ASN B 49 -6.10 32.13 -5.61
C ASN B 49 -7.54 32.17 -5.08
N GLY B 50 -8.07 31.02 -4.64
CA GLY B 50 -9.41 30.95 -4.05
C GLY B 50 -10.55 31.01 -5.07
N ALA B 51 -10.26 30.89 -6.37
CA ALA B 51 -11.33 30.81 -7.40
C ALA B 51 -11.06 29.65 -8.36
N VAL B 52 -12.09 29.28 -9.14
CA VAL B 52 -12.02 28.15 -10.04
C VAL B 52 -11.99 28.67 -11.49
N THR B 53 -11.00 28.24 -12.26
CA THR B 53 -10.94 28.51 -13.70
C THR B 53 -11.25 27.21 -14.46
N HIS B 54 -11.91 27.36 -15.60
CA HIS B 54 -12.27 26.23 -16.42
C HIS B 54 -11.55 26.38 -17.76
N ILE B 55 -10.86 25.33 -18.20
CA ILE B 55 -10.06 25.38 -19.42
C ILE B 55 -10.58 24.31 -20.37
N LYS B 56 -11.00 24.75 -21.54
CA LYS B 56 -11.55 23.83 -22.52
C LYS B 56 -10.48 22.93 -23.14
N ILE B 57 -10.86 21.67 -23.30
CA ILE B 57 -10.10 20.68 -24.02
C ILE B 57 -10.99 20.11 -25.12
N GLN B 58 -10.54 20.26 -26.36
CA GLN B 58 -11.33 19.85 -27.52
C GLN B 58 -10.71 18.60 -28.13
N ASN B 59 -11.55 17.65 -28.53
CA ASN B 59 -11.07 16.53 -29.32
C ASN B 59 -12.05 16.27 -30.47
N THR B 60 -11.67 16.71 -31.66
CA THR B 60 -12.47 16.49 -32.88
C THR B 60 -12.11 15.15 -33.53
N GLY B 61 -11.23 14.34 -32.95
CA GLY B 61 -10.89 13.07 -33.59
C GLY B 61 -9.41 12.84 -33.74
N ASP B 62 -8.61 13.89 -33.80
CA ASP B 62 -7.16 13.68 -34.01
C ASP B 62 -6.23 13.75 -32.78
N TYR B 63 -6.64 14.56 -31.81
CA TYR B 63 -5.83 14.79 -30.61
C TYR B 63 -6.65 15.63 -29.64
N TYR B 64 -6.18 15.66 -28.39
CA TYR B 64 -6.71 16.52 -27.35
C TYR B 64 -6.00 17.87 -27.46
N ASP B 65 -6.80 18.93 -27.59
CA ASP B 65 -6.30 20.25 -27.86
C ASP B 65 -6.68 21.08 -26.65
N LEU B 66 -5.69 21.36 -25.81
CA LEU B 66 -5.91 22.18 -24.62
C LEU B 66 -5.84 23.64 -25.04
N TYR B 67 -6.90 24.38 -24.76
CA TYR B 67 -6.99 25.75 -25.21
C TYR B 67 -5.95 26.57 -24.45
N GLY B 68 -5.10 27.28 -25.17
CA GLY B 68 -4.00 28.05 -24.58
C GLY B 68 -2.84 27.17 -24.14
N GLY B 69 -2.85 25.91 -24.55
CA GLY B 69 -1.79 24.95 -24.24
C GLY B 69 -1.45 24.10 -25.46
N GLU B 70 -0.98 22.87 -25.22
CA GLU B 70 -0.46 22.00 -26.27
C GLU B 70 -1.49 20.91 -26.59
N LYS B 71 -1.12 20.08 -27.57
CA LYS B 71 -1.89 18.95 -28.02
C LYS B 71 -1.34 17.62 -27.47
N PHE B 72 -2.25 16.75 -27.04
CA PHE B 72 -1.88 15.53 -26.32
C PHE B 72 -2.64 14.32 -26.85
N ALA B 73 -2.04 13.15 -26.63
CA ALA B 73 -2.62 11.88 -27.11
C ALA B 73 -3.65 11.30 -26.12
N THR B 74 -3.51 11.55 -24.82
CA THR B 74 -4.51 11.17 -23.83
C THR B 74 -4.62 12.25 -22.75
N LEU B 75 -5.73 12.29 -22.02
CA LEU B 75 -5.85 13.19 -20.86
C LEU B 75 -4.81 12.83 -19.80
N ALA B 76 -4.53 11.54 -19.65
CA ALA B 76 -3.53 11.13 -18.63
C ALA B 76 -2.16 11.72 -19.01
N GLU B 77 -1.80 11.69 -20.31
CA GLU B 77 -0.49 12.20 -20.75
C GLU B 77 -0.43 13.74 -20.59
N LEU B 78 -1.58 14.40 -20.78
CA LEU B 78 -1.72 15.83 -20.59
C LEU B 78 -1.45 16.20 -19.12
N VAL B 79 -2.18 15.53 -18.24
CA VAL B 79 -2.05 15.76 -16.79
C VAL B 79 -0.62 15.46 -16.33
N GLN B 80 -0.04 14.32 -16.75
CA GLN B 80 1.36 14.01 -16.42
C GLN B 80 2.29 15.16 -16.84
N TYR B 81 2.08 15.72 -18.03
CA TYR B 81 2.94 16.78 -18.62
C TYR B 81 2.96 18.05 -17.76
N TYR B 82 1.78 18.54 -17.40
CA TYR B 82 1.66 19.76 -16.61
C TYR B 82 1.99 19.52 -15.13
N MET B 83 1.76 18.32 -14.61
CA MET B 83 2.11 18.02 -13.19
C MET B 83 3.62 17.82 -13.03
N GLU B 84 4.35 17.74 -14.14
CA GLU B 84 5.80 17.87 -14.16
C GLU B 84 6.16 19.13 -14.95
N GLY B 87 6.30 20.48 -18.48
CA GLY B 87 6.01 21.81 -19.06
C GLY B 87 5.31 22.74 -18.08
N GLN B 88 4.79 23.86 -18.60
CA GLN B 88 4.10 24.92 -17.80
C GLN B 88 2.87 25.46 -18.56
N LEU B 89 1.74 25.56 -17.86
CA LEU B 89 0.41 25.92 -18.43
C LEU B 89 0.03 27.36 -18.04
N LYS B 90 -0.71 28.04 -18.92
CA LYS B 90 -1.15 29.43 -18.69
C LYS B 90 -2.68 29.54 -18.87
N ASP B 95 -1.44 34.22 -17.70
CA ASP B 95 -1.12 33.92 -16.31
C ASP B 95 -0.94 32.42 -16.12
N VAL B 96 0.11 32.04 -15.38
CA VAL B 96 0.48 30.62 -15.20
C VAL B 96 -0.56 29.93 -14.28
N ILE B 97 -0.90 28.70 -14.66
CA ILE B 97 -1.87 27.86 -13.96
C ILE B 97 -1.13 26.61 -13.51
N GLU B 98 -1.11 26.35 -12.20
CA GLU B 98 -0.40 25.18 -11.67
C GLU B 98 -1.39 24.04 -11.40
N LEU B 99 -1.13 22.87 -11.98
CA LEU B 99 -1.85 21.62 -11.65
C LEU B 99 -1.07 20.90 -10.54
N LYS B 100 -1.51 21.01 -9.29
CA LYS B 100 -0.76 20.49 -8.13
C LYS B 100 -1.42 19.25 -7.54
N TYR B 101 -2.71 19.33 -7.23
CA TYR B 101 -3.38 18.34 -6.38
C TYR B 101 -4.63 17.79 -7.08
N PRO B 102 -4.54 16.58 -7.63
CA PRO B 102 -5.71 15.95 -8.19
C PRO B 102 -6.83 15.86 -7.14
N LEU B 103 -8.04 16.30 -7.50
CA LEU B 103 -9.21 16.10 -6.65
C LEU B 103 -9.82 14.75 -7.04
N ASN B 104 -9.76 13.76 -6.14
CA ASN B 104 -10.15 12.38 -6.55
C ASN B 104 -11.68 12.24 -6.60
N CYS B 105 -12.13 11.38 -7.53
CA CYS B 105 -13.55 11.08 -7.75
C CYS B 105 -13.91 9.76 -7.06
N ALA B 106 -15.04 9.72 -6.36
CA ALA B 106 -15.42 8.53 -5.59
C ALA B 106 -16.41 7.66 -6.39
N ASP B 107 -16.87 8.21 -7.51
CA ASP B 107 -17.81 7.54 -8.42
C ASP B 107 -17.21 6.25 -9.00
N PRO B 108 -17.85 5.10 -8.75
CA PRO B 108 -17.39 3.81 -9.31
C PRO B 108 -17.90 3.42 -10.71
N THR B 109 -18.66 4.28 -11.39
CA THR B 109 -19.34 3.85 -12.65
C THR B 109 -18.34 3.47 -13.75
N SER B 110 -17.12 3.98 -13.70
CA SER B 110 -16.15 3.72 -14.78
C SER B 110 -15.17 2.61 -14.37
N GLU B 111 -15.44 1.86 -13.31
CA GLU B 111 -14.61 0.73 -12.96
C GLU B 111 -15.12 -0.54 -13.66
N ARG B 112 -14.16 -1.29 -14.17
CA ARG B 112 -14.42 -2.53 -14.87
C ARG B 112 -15.23 -3.49 -14.00
N TRP B 113 -15.03 -3.41 -12.68
CA TRP B 113 -15.59 -4.40 -11.73
C TRP B 113 -16.93 -3.93 -11.18
N PHE B 114 -17.39 -2.74 -11.55
CA PHE B 114 -18.65 -2.23 -11.04
C PHE B 114 -19.82 -2.61 -11.96
N HIS B 115 -20.78 -3.36 -11.41
CA HIS B 115 -21.97 -3.76 -12.16
C HIS B 115 -23.20 -3.48 -11.29
N GLY B 116 -23.45 -2.20 -11.01
CA GLY B 116 -24.45 -1.80 -10.02
C GLY B 116 -25.73 -2.61 -10.13
N HIS B 117 -26.28 -2.67 -11.35
CA HIS B 117 -27.62 -3.22 -11.60
C HIS B 117 -27.73 -4.69 -11.19
N LEU B 118 -26.65 -5.46 -11.26
CA LEU B 118 -26.73 -6.95 -11.18
C LEU B 118 -27.47 -7.40 -9.92
N SER B 119 -28.24 -8.48 -10.08
CA SER B 119 -28.89 -9.18 -8.98
C SER B 119 -27.97 -10.30 -8.48
N GLY B 120 -28.36 -10.94 -7.37
CA GLY B 120 -27.53 -11.95 -6.70
C GLY B 120 -27.24 -13.15 -7.59
N LYS B 121 -28.29 -13.75 -8.14
CA LYS B 121 -28.13 -15.00 -8.88
C LYS B 121 -27.65 -14.69 -10.30
N GLU B 122 -28.08 -13.56 -10.86
CA GLU B 122 -27.57 -13.09 -12.16
C GLU B 122 -26.05 -12.91 -12.11
N ALA B 123 -25.53 -12.31 -11.04
CA ALA B 123 -24.09 -12.16 -10.85
C ALA B 123 -23.44 -13.53 -10.61
N GLU B 124 -24.20 -14.48 -10.06
CA GLU B 124 -23.70 -15.84 -9.80
C GLU B 124 -23.60 -16.61 -11.13
N LYS B 125 -24.55 -16.40 -12.03
CA LYS B 125 -24.56 -17.09 -13.34
C LYS B 125 -23.42 -16.57 -14.23
N LEU B 126 -23.24 -15.25 -14.27
CA LEU B 126 -22.16 -14.61 -15.05
C LEU B 126 -20.80 -15.13 -14.56
N LEU B 127 -20.57 -15.14 -13.25
CA LEU B 127 -19.30 -15.64 -12.72
C LEU B 127 -19.16 -17.13 -13.04
N THR B 128 -20.26 -17.87 -12.99
CA THR B 128 -20.25 -19.32 -13.28
C THR B 128 -19.86 -19.58 -14.73
N GLU B 129 -20.34 -18.75 -15.65
CA GLU B 129 -20.23 -19.01 -17.11
C GLU B 129 -18.90 -18.47 -17.66
N LYS B 130 -18.59 -17.22 -17.31
CA LYS B 130 -17.50 -16.46 -17.91
C LYS B 130 -16.27 -16.39 -17.00
N GLY B 131 -16.45 -16.58 -15.70
CA GLY B 131 -15.41 -16.25 -14.73
C GLY B 131 -14.49 -17.41 -14.41
N LYS B 132 -13.32 -17.08 -13.87
CA LYS B 132 -12.34 -18.05 -13.42
C LYS B 132 -11.93 -17.70 -11.98
N HIS B 133 -10.92 -18.38 -11.44
CA HIS B 133 -10.42 -18.06 -10.10
C HIS B 133 -10.00 -16.58 -10.06
N GLY B 134 -10.49 -15.88 -9.06
CA GLY B 134 -10.13 -14.49 -8.85
C GLY B 134 -11.07 -13.52 -9.54
N SER B 135 -12.04 -14.01 -10.31
CA SER B 135 -12.95 -13.10 -11.04
C SER B 135 -13.96 -12.48 -10.05
N PHE B 136 -14.01 -11.13 -10.00
CA PHE B 136 -14.86 -10.44 -9.03
C PHE B 136 -15.65 -9.31 -9.70
N LEU B 137 -16.73 -8.94 -9.02
CA LEU B 137 -17.53 -7.79 -9.39
C LEU B 137 -18.12 -7.17 -8.11
N VAL B 138 -18.61 -5.95 -8.24
CA VAL B 138 -19.30 -5.28 -7.15
C VAL B 138 -20.65 -4.84 -7.69
N ARG B 139 -21.68 -5.08 -6.90
CA ARG B 139 -23.04 -4.86 -7.28
C ARG B 139 -23.77 -4.16 -6.14
N GLU B 140 -24.81 -3.41 -6.47
CA GLU B 140 -25.65 -2.80 -5.44
C GLU B 140 -26.47 -3.88 -4.73
N SER B 141 -26.64 -3.71 -3.42
CA SER B 141 -27.50 -4.60 -2.65
C SER B 141 -28.97 -4.32 -3.01
N GLN B 142 -29.76 -5.39 -3.06
CA GLN B 142 -31.21 -5.30 -3.29
C GLN B 142 -31.95 -5.24 -1.94
N SER B 143 -31.45 -5.98 -0.95
CA SER B 143 -32.11 -6.08 0.36
C SER B 143 -31.75 -4.87 1.24
N HIS B 144 -30.55 -4.32 1.09
CA HIS B 144 -30.13 -3.17 1.91
C HIS B 144 -29.79 -1.99 0.98
N PRO B 145 -30.80 -1.18 0.60
CA PRO B 145 -30.60 -0.14 -0.43
C PRO B 145 -29.57 0.90 0.04
N GLY B 146 -28.45 0.93 -0.63
CA GLY B 146 -27.34 1.82 -0.31
C GLY B 146 -26.08 1.01 -0.07
N ASP B 147 -26.24 -0.22 0.39
CA ASP B 147 -25.11 -1.12 0.52
C ASP B 147 -24.73 -1.75 -0.81
N PHE B 148 -23.62 -2.49 -0.82
CA PHE B 148 -23.12 -3.09 -2.02
C PHE B 148 -22.75 -4.53 -1.70
N VAL B 149 -22.50 -5.31 -2.73
CA VAL B 149 -22.02 -6.64 -2.53
C VAL B 149 -20.79 -6.86 -3.42
N LEU B 150 -19.78 -7.53 -2.86
CA LEU B 150 -18.65 -7.99 -3.63
C LEU B 150 -18.84 -9.48 -3.90
N SER B 151 -18.90 -9.86 -5.18
CA SER B 151 -19.09 -11.26 -5.55
C SER B 151 -17.81 -11.80 -6.18
N VAL B 152 -17.26 -12.89 -5.66
CA VAL B 152 -15.95 -13.36 -6.11
C VAL B 152 -16.01 -14.87 -6.32
N ARG B 153 -15.32 -15.30 -7.37
CA ARG B 153 -15.20 -16.69 -7.72
C ARG B 153 -13.81 -17.16 -7.27
N THR B 154 -13.77 -18.36 -6.69
CA THR B 154 -12.53 -18.98 -6.22
C THR B 154 -12.50 -20.45 -6.65
N GLY B 155 -11.36 -20.91 -7.16
CA GLY B 155 -11.13 -22.35 -7.38
C GLY B 155 -9.68 -22.65 -7.71
N ASN B 162 -18.33 -28.00 -13.52
CA ASN B 162 -19.06 -27.71 -12.28
C ASN B 162 -18.92 -28.93 -11.34
N ASP B 163 -17.66 -29.23 -11.02
CA ASP B 163 -17.27 -30.41 -10.24
C ASP B 163 -17.26 -30.20 -8.71
N GLY B 164 -17.65 -29.01 -8.26
CA GLY B 164 -17.65 -28.68 -6.82
C GLY B 164 -16.45 -27.83 -6.43
N LYS B 165 -15.34 -27.96 -7.15
CA LYS B 165 -14.06 -27.36 -6.76
C LYS B 165 -14.10 -25.83 -6.90
N SER B 166 -15.03 -25.26 -7.68
CA SER B 166 -15.17 -23.79 -7.74
C SER B 166 -16.38 -23.35 -6.88
N LYS B 167 -16.41 -22.06 -6.54
CA LYS B 167 -17.51 -21.46 -5.77
C LYS B 167 -17.52 -19.94 -5.96
N VAL B 168 -18.70 -19.35 -5.79
CA VAL B 168 -18.82 -17.91 -5.71
C VAL B 168 -19.08 -17.55 -4.23
N THR B 169 -18.41 -16.50 -3.77
CA THR B 169 -18.53 -15.98 -2.42
C THR B 169 -19.09 -14.56 -2.50
N HIS B 170 -20.01 -14.21 -1.61
CA HIS B 170 -20.59 -12.86 -1.59
C HIS B 170 -20.19 -12.15 -0.29
N VAL B 171 -19.69 -10.92 -0.38
CA VAL B 171 -19.28 -10.17 0.81
C VAL B 171 -20.11 -8.88 0.88
N MET B 172 -20.80 -8.65 1.99
CA MET B 172 -21.60 -7.43 2.13
C MET B 172 -20.68 -6.23 2.35
N ILE B 173 -20.92 -5.18 1.58
CA ILE B 173 -20.22 -3.91 1.74
C ILE B 173 -21.24 -2.93 2.33
N ARG B 174 -21.02 -2.54 3.58
CA ARG B 174 -21.92 -1.57 4.21
C ARG B 174 -21.53 -0.18 3.72
N CYS B 175 -22.53 0.68 3.64
CA CYS B 175 -22.30 2.07 3.35
C CYS B 175 -22.79 2.85 4.56
N GLN B 176 -21.85 3.47 5.27
CA GLN B 176 -22.15 4.15 6.52
C GLN B 176 -21.52 5.55 6.46
N GLU B 177 -22.38 6.56 6.30
CA GLU B 177 -21.96 7.97 6.32
C GLU B 177 -20.95 8.21 5.20
N LEU B 178 -21.35 7.76 4.01
CA LEU B 178 -20.55 7.69 2.78
C LEU B 178 -19.11 7.22 3.05
N LYS B 179 -18.96 6.22 3.92
CA LYS B 179 -17.75 5.40 3.94
C LYS B 179 -18.19 3.94 3.81
N TYR B 180 -17.32 3.12 3.22
CA TYR B 180 -17.67 1.74 2.88
C TYR B 180 -16.80 0.79 3.70
N ASP B 181 -17.42 -0.24 4.25
CA ASP B 181 -16.70 -1.28 4.96
C ASP B 181 -17.29 -2.67 4.74
N VAL B 182 -16.54 -3.70 5.09
CA VAL B 182 -16.98 -5.09 4.94
C VAL B 182 -17.37 -5.67 6.31
N GLY B 183 -17.83 -4.84 7.24
CA GLY B 183 -18.29 -5.32 8.53
C GLY B 183 -17.30 -5.02 9.65
N GLY B 184 -16.02 -4.75 9.33
CA GLY B 184 -15.03 -4.47 10.40
C GLY B 184 -13.77 -3.86 9.81
N GLY B 185 -12.93 -3.23 10.64
CA GLY B 185 -11.65 -2.71 10.16
C GLY B 185 -11.74 -1.28 9.63
N GLU B 186 -10.98 -1.02 8.58
CA GLU B 186 -10.92 0.29 7.91
C GLU B 186 -12.24 0.64 7.23
N ARG B 187 -12.58 1.93 7.27
CA ARG B 187 -13.70 2.51 6.55
C ARG B 187 -13.15 3.42 5.45
N PHE B 188 -13.52 3.08 4.22
CA PHE B 188 -12.92 3.63 2.97
C PHE B 188 -13.79 4.74 2.40
N ASP B 189 -13.14 5.74 1.81
CA ASP B 189 -13.88 6.90 1.34
C ASP B 189 -14.68 6.64 0.07
N SER B 190 -14.36 5.53 -0.61
CA SER B 190 -14.92 5.17 -1.91
C SER B 190 -14.85 3.65 -2.08
N LEU B 191 -15.69 3.07 -2.94
CA LEU B 191 -15.60 1.62 -3.22
C LEU B 191 -14.26 1.31 -3.89
N THR B 192 -13.78 2.21 -4.74
CA THR B 192 -12.51 1.98 -5.39
C THR B 192 -11.40 1.73 -4.36
N ASP B 193 -11.32 2.57 -3.33
CA ASP B 193 -10.28 2.44 -2.32
C ASP B 193 -10.44 1.11 -1.54
N LEU B 194 -11.69 0.72 -1.28
CA LEU B 194 -11.98 -0.55 -0.61
C LEU B 194 -11.50 -1.71 -1.49
N VAL B 195 -11.86 -1.67 -2.78
CA VAL B 195 -11.50 -2.72 -3.73
C VAL B 195 -9.99 -2.78 -3.87
N GLU B 196 -9.35 -1.62 -4.04
CA GLU B 196 -7.88 -1.54 -4.13
C GLU B 196 -7.23 -2.18 -2.89
N HIS B 197 -7.76 -1.90 -1.71
CA HIS B 197 -7.17 -2.39 -0.48
C HIS B 197 -7.24 -3.92 -0.41
N TYR B 198 -8.38 -4.50 -0.80
CA TYR B 198 -8.58 -5.95 -0.65
C TYR B 198 -8.02 -6.68 -1.87
N LYS B 199 -7.63 -5.95 -2.90
CA LYS B 199 -6.85 -6.50 -4.03
C LYS B 199 -5.41 -6.81 -3.59
N LYS B 200 -4.83 -5.96 -2.75
CA LYS B 200 -3.44 -6.15 -2.26
C LYS B 200 -3.45 -7.03 -1.02
N ASN B 201 -4.52 -6.96 -0.24
CA ASN B 201 -4.61 -7.61 1.06
C ASN B 201 -5.87 -8.48 1.08
N PRO B 202 -5.88 -9.57 0.30
CA PRO B 202 -7.03 -10.47 0.22
C PRO B 202 -7.64 -10.87 1.57
N MET B 203 -8.96 -10.83 1.61
CA MET B 203 -9.71 -11.37 2.72
C MET B 203 -9.51 -12.89 2.76
N VAL B 204 -9.46 -13.44 3.98
CA VAL B 204 -9.31 -14.88 4.17
C VAL B 204 -10.53 -15.37 4.96
N GLU B 205 -11.18 -16.42 4.47
CA GLU B 205 -12.30 -17.06 5.20
C GLU B 205 -11.75 -17.79 6.43
N THR B 206 -12.63 -18.08 7.38
CA THR B 206 -12.26 -18.78 8.61
C THR B 206 -11.50 -20.06 8.26
N LEU B 207 -12.01 -20.84 7.29
CA LEU B 207 -11.43 -22.14 7.00
C LEU B 207 -10.27 -22.00 6.01
N GLY B 208 -9.98 -20.78 5.55
CA GLY B 208 -8.67 -20.49 4.96
C GLY B 208 -8.73 -19.97 3.54
N THR B 209 -9.84 -20.15 2.81
CA THR B 209 -9.92 -19.70 1.43
C THR B 209 -9.57 -18.21 1.35
N VAL B 210 -8.66 -17.89 0.45
CA VAL B 210 -8.26 -16.51 0.14
C VAL B 210 -9.21 -15.98 -0.93
N LEU B 211 -9.90 -14.88 -0.67
CA LEU B 211 -10.77 -14.27 -1.68
C LEU B 211 -9.97 -13.24 -2.49
N GLN B 212 -9.16 -13.78 -3.40
CA GLN B 212 -8.25 -13.03 -4.27
C GLN B 212 -9.05 -12.28 -5.35
N LEU B 213 -8.75 -10.99 -5.49
CA LEU B 213 -9.36 -10.16 -6.51
C LEU B 213 -8.36 -9.98 -7.65
N LYS B 214 -8.42 -10.92 -8.59
CA LYS B 214 -7.41 -11.03 -9.64
C LYS B 214 -7.86 -10.31 -10.91
N GLN B 215 -9.07 -10.55 -11.40
CA GLN B 215 -9.55 -9.84 -12.61
C GLN B 215 -11.05 -9.58 -12.51
N PRO B 216 -11.50 -8.42 -13.01
CA PRO B 216 -12.93 -8.15 -13.04
C PRO B 216 -13.64 -9.14 -13.96
N LEU B 217 -14.92 -9.39 -13.70
CA LEU B 217 -15.75 -10.17 -14.63
C LEU B 217 -15.75 -9.44 -15.96
N ASN B 218 -15.50 -10.18 -17.03
CA ASN B 218 -15.53 -9.61 -18.38
C ASN B 218 -16.97 -9.66 -18.91
N THR B 219 -17.53 -8.50 -19.26
CA THR B 219 -18.89 -8.43 -19.84
C THR B 219 -18.82 -7.89 -21.27
N THR B 220 -17.63 -7.57 -21.78
CA THR B 220 -17.51 -6.87 -23.07
C THR B 220 -17.25 -7.85 -24.22
N ARG B 221 -16.64 -9.00 -23.91
CA ARG B 221 -16.42 -10.03 -24.92
C ARG B 221 -17.79 -10.52 -25.38
N ILE B 222 -18.01 -10.56 -26.69
CA ILE B 222 -19.26 -11.05 -27.24
C ILE B 222 -18.91 -12.11 -28.28
N ASN B 223 -19.88 -12.94 -28.61
CA ASN B 223 -19.78 -13.73 -29.82
C ASN B 223 -20.12 -12.81 -30.98
N ALA B 224 -19.43 -12.98 -32.12
CA ALA B 224 -19.54 -12.01 -33.22
C ALA B 224 -20.95 -12.05 -33.83
N ALA B 225 -21.58 -13.23 -33.78
CA ALA B 225 -22.93 -13.44 -34.33
C ALA B 225 -23.94 -12.46 -33.72
N GLU B 226 -23.78 -12.19 -32.41
CA GLU B 226 -24.74 -11.44 -31.58
C GLU B 226 -24.40 -9.93 -31.49
N ILE B 227 -23.48 -9.44 -32.33
CA ILE B 227 -23.10 -8.00 -32.36
C ILE B 227 -24.35 -7.10 -32.45
N GLU B 228 -25.36 -7.50 -33.24
CA GLU B 228 -26.59 -6.72 -33.40
C GLU B 228 -27.23 -6.49 -32.02
N SER B 229 -27.45 -7.57 -31.27
CA SER B 229 -28.01 -7.51 -29.91
C SER B 229 -27.22 -6.52 -29.04
N ARG B 230 -25.89 -6.60 -29.08
CA ARG B 230 -25.04 -5.80 -28.17
C ARG B 230 -25.10 -4.32 -28.56
N VAL B 231 -25.09 -4.04 -29.86
CA VAL B 231 -25.11 -2.66 -30.35
C VAL B 231 -26.43 -2.03 -29.90
N ARG B 232 -27.52 -2.79 -29.99
CA ARG B 232 -28.87 -2.37 -29.59
C ARG B 232 -28.89 -2.00 -28.10
N GLU B 233 -28.33 -2.88 -27.26
CA GLU B 233 -28.19 -2.59 -25.82
C GLU B 233 -27.42 -1.29 -25.61
N LEU B 234 -26.27 -1.15 -26.27
CA LEU B 234 -25.36 -0.02 -26.02
C LEU B 234 -25.95 1.28 -26.58
N SER B 235 -26.90 1.18 -27.49
CA SER B 235 -27.55 2.35 -28.09
C SER B 235 -28.68 2.91 -27.20
N LYS B 236 -29.18 2.14 -26.23
CA LYS B 236 -30.26 2.62 -25.32
C LYS B 236 -29.71 3.63 -24.31
N GLN B 246 -25.99 6.84 -22.85
CA GLN B 246 -26.24 5.47 -23.32
C GLN B 246 -25.04 4.58 -22.99
N GLY B 247 -25.24 3.27 -23.08
CA GLY B 247 -24.24 2.27 -22.73
C GLY B 247 -22.92 2.46 -23.49
N PHE B 248 -22.99 3.04 -24.69
CA PHE B 248 -21.78 3.32 -25.47
C PHE B 248 -20.84 4.29 -24.72
N TRP B 249 -21.39 5.35 -24.12
CA TRP B 249 -20.56 6.35 -23.44
C TRP B 249 -19.92 5.72 -22.20
N GLU B 250 -20.69 4.88 -21.50
CA GLU B 250 -20.29 4.22 -20.25
C GLU B 250 -19.16 3.20 -20.50
N GLU B 251 -19.26 2.42 -21.57
CA GLU B 251 -18.19 1.48 -21.94
C GLU B 251 -16.90 2.27 -22.29
N PHE B 252 -17.06 3.35 -23.04
CA PHE B 252 -15.92 4.12 -23.52
C PHE B 252 -15.18 4.76 -22.35
N GLU B 253 -15.92 5.37 -21.43
CA GLU B 253 -15.24 6.03 -20.31
C GLU B 253 -14.50 5.00 -19.46
N THR B 254 -15.04 3.77 -19.37
CA THR B 254 -14.37 2.70 -18.60
C THR B 254 -13.04 2.35 -19.27
N LEU B 255 -13.03 2.35 -20.60
CA LEU B 255 -11.80 2.18 -21.32
C LEU B 255 -10.87 3.36 -21.04
N GLN B 256 -11.37 4.58 -21.20
CA GLN B 256 -10.52 5.76 -20.96
C GLN B 256 -9.87 5.71 -19.57
N GLN B 257 -10.61 5.25 -18.57
CA GLN B 257 -10.10 5.23 -17.21
C GLN B 257 -8.83 4.36 -17.12
N GLN B 258 -8.64 3.40 -18.01
CA GLN B 258 -7.48 2.49 -17.91
C GLN B 258 -6.23 3.08 -18.57
N GLU B 259 -6.32 4.27 -19.16
CA GLU B 259 -5.19 4.82 -19.93
C GLU B 259 -4.06 5.26 -18.97
N CYS B 260 -4.35 5.31 -17.67
CA CYS B 260 -3.32 5.61 -16.69
C CYS B 260 -2.33 4.44 -16.58
N LYS B 261 -2.72 3.24 -17.00
CA LYS B 261 -1.80 2.09 -16.98
C LYS B 261 -0.80 2.16 -18.16
N LEU B 262 -0.92 3.17 -19.04
CA LEU B 262 -0.21 3.14 -20.32
C LEU B 262 0.75 4.33 -20.44
N LEU B 263 1.29 4.80 -19.32
CA LEU B 263 2.16 5.94 -19.34
C LEU B 263 3.61 5.47 -19.47
N TYR B 264 3.92 4.90 -20.63
CA TYR B 264 5.22 4.27 -20.89
C TYR B 264 6.20 5.34 -21.37
N SER B 265 7.49 5.06 -21.27
CA SER B 265 8.50 6.07 -21.63
C SER B 265 8.39 6.43 -23.11
N ARG B 266 8.59 7.72 -23.40
CA ARG B 266 8.74 8.23 -24.77
C ARG B 266 9.98 9.15 -24.82
N LYS B 267 11.06 8.73 -24.17
CA LYS B 267 12.29 9.53 -24.04
C LYS B 267 12.94 9.80 -25.40
N GLU B 268 12.94 8.84 -26.32
CA GLU B 268 13.66 9.02 -27.55
C GLU B 268 13.04 10.19 -28.32
N GLY B 269 11.70 10.27 -28.36
CA GLY B 269 11.01 11.38 -29.03
C GLY B 269 11.22 12.74 -28.37
N GLN B 270 11.62 12.76 -27.10
CA GLN B 270 11.80 14.02 -26.33
C GLN B 270 13.20 14.59 -26.52
N ARG B 271 14.08 13.89 -27.25
CA ARG B 271 15.46 14.39 -27.43
C ARG B 271 15.49 15.61 -28.37
N GLN B 272 16.46 16.50 -28.12
CA GLN B 272 16.55 17.77 -28.85
C GLN B 272 16.63 17.51 -30.35
N GLU B 273 17.44 16.53 -30.73
CA GLU B 273 17.73 16.17 -32.15
C GLU B 273 16.45 15.71 -32.86
N ASN B 274 15.45 15.29 -32.08
CA ASN B 274 14.25 14.65 -32.62
C ASN B 274 13.02 15.57 -32.53
N LYS B 275 13.13 16.69 -31.83
CA LYS B 275 11.97 17.50 -31.47
C LYS B 275 11.22 17.92 -32.74
N ASN B 276 11.93 18.31 -33.78
CA ASN B 276 11.23 18.86 -34.96
C ASN B 276 10.96 17.75 -35.99
N LYS B 277 11.10 16.49 -35.58
CA LYS B 277 10.64 15.34 -36.37
C LYS B 277 9.21 14.91 -35.95
N ASN B 278 8.64 15.59 -34.97
CA ASN B 278 7.29 15.29 -34.42
C ASN B 278 6.33 16.37 -34.90
N ARG B 279 5.16 15.98 -35.40
CA ARG B 279 4.17 16.94 -35.88
C ARG B 279 3.67 17.73 -34.66
N TYR B 280 3.47 17.04 -33.54
CA TYR B 280 3.11 17.69 -32.25
C TYR B 280 4.10 17.29 -31.16
N LYS B 281 4.75 18.27 -30.55
CA LYS B 281 5.90 18.03 -29.68
C LYS B 281 5.59 17.01 -28.56
N ASN B 282 4.32 16.86 -28.16
CA ASN B 282 4.02 15.96 -27.00
C ASN B 282 3.28 14.71 -27.43
N ILE B 283 3.05 14.50 -28.74
CA ILE B 283 2.48 13.23 -29.18
C ILE B 283 3.65 12.39 -29.72
N LEU B 284 4.10 11.38 -28.94
CA LEU B 284 5.38 10.72 -29.16
C LEU B 284 5.23 9.19 -29.08
N PRO B 285 6.13 8.46 -29.75
CA PRO B 285 6.04 7.04 -29.84
C PRO B 285 6.67 6.51 -28.55
N PHE B 286 6.04 5.47 -27.99
CA PHE B 286 6.62 4.72 -26.90
C PHE B 286 8.00 4.17 -27.29
N ASP B 287 8.95 4.29 -26.39
CA ASP B 287 10.30 3.80 -26.65
C ASP B 287 10.31 2.31 -27.01
N HIS B 288 9.47 1.52 -26.37
CA HIS B 288 9.62 0.05 -26.44
C HIS B 288 8.97 -0.52 -27.70
N THR B 289 8.22 0.28 -28.48
CA THR B 289 7.61 -0.19 -29.75
C THR B 289 7.93 0.74 -30.95
N ARG B 290 8.71 1.80 -30.75
CA ARG B 290 9.05 2.73 -31.84
C ARG B 290 9.78 1.95 -32.93
N VAL B 291 9.65 2.43 -34.16
CA VAL B 291 10.40 1.92 -35.28
C VAL B 291 11.79 2.56 -35.25
N VAL B 292 12.83 1.75 -35.09
CA VAL B 292 14.20 2.26 -35.06
C VAL B 292 14.80 2.12 -36.47
N LEU B 293 15.30 3.24 -37.04
CA LEU B 293 15.85 3.25 -38.38
C LEU B 293 17.35 2.97 -38.28
N HIS B 294 17.81 2.01 -39.09
CA HIS B 294 19.21 1.61 -39.13
CA HIS B 294 19.21 1.63 -39.11
C HIS B 294 19.88 2.24 -40.35
N ASP B 295 21.19 2.06 -40.46
CA ASP B 295 22.00 2.57 -41.58
C ASP B 295 21.61 3.98 -42.09
N GLY B 296 21.58 4.93 -41.15
CA GLY B 296 21.30 6.33 -41.48
C GLY B 296 22.50 7.02 -42.10
N SER B 303 19.89 9.74 -36.32
CA SER B 303 19.24 9.34 -37.60
C SER B 303 18.50 8.02 -37.45
N ASP B 304 18.29 7.53 -36.21
CA ASP B 304 17.44 6.34 -35.95
C ASP B 304 15.96 6.60 -35.59
N TYR B 305 15.50 7.86 -35.66
CA TYR B 305 14.21 8.24 -35.07
C TYR B 305 13.18 8.64 -36.13
N ILE B 306 11.99 8.04 -36.00
CA ILE B 306 10.79 8.44 -36.67
C ILE B 306 9.62 8.29 -35.69
N ASN B 307 8.69 9.23 -35.75
CA ASN B 307 7.49 9.16 -34.93
C ASN B 307 6.53 8.10 -35.51
N ALA B 308 6.76 6.87 -35.09
CA ALA B 308 6.01 5.70 -35.61
C ALA B 308 6.18 4.56 -34.61
N ASN B 309 5.18 3.69 -34.53
CA ASN B 309 5.27 2.48 -33.68
C ASN B 309 4.78 1.27 -34.46
N ILE B 310 5.44 0.15 -34.18
CA ILE B 310 4.99 -1.19 -34.59
C ILE B 310 3.75 -1.55 -33.79
N ILE B 311 2.69 -1.95 -34.47
CA ILE B 311 1.51 -2.47 -33.82
C ILE B 311 1.35 -3.96 -34.16
N MET B 312 1.56 -4.81 -33.15
CA MET B 312 1.48 -6.26 -33.30
C MET B 312 0.24 -6.74 -32.54
N PRO B 313 -0.78 -7.20 -33.27
CA PRO B 313 -1.96 -7.64 -32.54
C PRO B 313 -1.56 -8.78 -31.61
N GLU B 314 -1.88 -8.68 -30.31
CA GLU B 314 -1.59 -9.72 -29.29
C GLU B 314 -2.93 -10.24 -28.74
N LYS B 325 -0.61 -12.53 -37.36
CA LYS B 325 -0.03 -12.60 -38.70
C LYS B 325 0.28 -11.19 -39.21
N LYS B 326 -0.76 -10.41 -39.51
CA LYS B 326 -0.59 -9.05 -40.10
C LYS B 326 -0.14 -8.06 -39.01
N SER B 327 0.91 -7.29 -39.23
CA SER B 327 1.19 -6.21 -38.29
C SER B 327 1.06 -4.86 -39.02
N TYR B 328 1.16 -3.80 -38.22
CA TYR B 328 1.02 -2.45 -38.72
C TYR B 328 2.15 -1.59 -38.17
N ILE B 329 2.39 -0.53 -38.88
CA ILE B 329 3.08 0.63 -38.36
C ILE B 329 2.12 1.81 -38.40
N ALA B 330 1.88 2.37 -37.23
CA ALA B 330 1.07 3.50 -37.05
C ALA B 330 1.99 4.71 -36.96
N THR B 331 1.76 5.71 -37.79
CA THR B 331 2.66 6.82 -37.80
C THR B 331 1.86 8.06 -38.21
N GLN B 332 2.59 9.16 -38.13
CA GLN B 332 2.03 10.48 -38.35
C GLN B 332 2.14 10.80 -39.84
N GLY B 333 1.36 11.78 -40.28
CA GLY B 333 1.60 12.43 -41.60
C GLY B 333 3.00 13.01 -41.64
N CYS B 334 3.62 12.98 -42.80
CA CYS B 334 4.99 13.48 -42.95
C CYS B 334 5.10 14.98 -42.64
N LEU B 335 6.24 15.37 -42.05
CA LEU B 335 6.76 16.73 -42.14
C LEU B 335 7.70 16.80 -43.35
N GLN B 336 7.95 18.00 -43.87
CA GLN B 336 8.85 18.13 -45.04
C GLN B 336 10.24 17.55 -44.69
N ASN B 337 10.67 17.73 -43.44
CA ASN B 337 12.00 17.23 -42.99
C ASN B 337 11.92 15.78 -42.49
N THR B 338 10.81 15.04 -42.65
CA THR B 338 10.81 13.61 -42.30
C THR B 338 10.46 12.76 -43.53
N VAL B 339 10.24 13.37 -44.69
CA VAL B 339 9.84 12.54 -45.84
C VAL B 339 10.93 11.51 -46.11
N ASN B 340 12.19 11.91 -46.06
CA ASN B 340 13.29 10.95 -46.34
C ASN B 340 13.25 9.78 -45.33
N ASP B 341 12.94 10.08 -44.06
CA ASP B 341 12.91 9.05 -43.01
C ASP B 341 11.74 8.10 -43.18
N PHE B 342 10.62 8.61 -43.67
CA PHE B 342 9.47 7.82 -43.95
C PHE B 342 9.81 6.75 -45.02
N TRP B 343 10.52 7.13 -46.07
CA TRP B 343 10.82 6.14 -47.11
C TRP B 343 11.89 5.14 -46.63
N ARG B 344 12.87 5.60 -45.84
CA ARG B 344 13.82 4.70 -45.16
C ARG B 344 13.08 3.63 -44.36
N MET B 345 12.03 4.05 -43.65
CA MET B 345 11.25 3.15 -42.81
C MET B 345 10.52 2.12 -43.69
N VAL B 346 9.83 2.60 -44.72
CA VAL B 346 9.07 1.70 -45.61
C VAL B 346 10.01 0.63 -46.18
N PHE B 347 11.17 1.08 -46.65
CA PHE B 347 12.13 0.20 -47.28
C PHE B 347 12.65 -0.82 -46.24
N GLN B 348 13.01 -0.32 -45.09
CA GLN B 348 13.67 -1.12 -44.05
C GLN B 348 12.72 -2.19 -43.49
N GLU B 349 11.43 -1.87 -43.38
CA GLU B 349 10.47 -2.77 -42.75
C GLU B 349 9.83 -3.68 -43.81
N ASN B 350 10.23 -3.53 -45.07
CA ASN B 350 9.70 -4.32 -46.16
C ASN B 350 8.19 -4.10 -46.32
N SER B 351 7.66 -2.94 -45.93
CA SER B 351 6.25 -2.63 -46.15
C SER B 351 5.95 -2.48 -47.65
N ARG B 352 4.83 -3.10 -48.02
CA ARG B 352 4.36 -3.12 -49.40
C ARG B 352 2.99 -2.43 -49.58
N VAL B 353 2.36 -1.96 -48.48
CA VAL B 353 1.05 -1.34 -48.49
C VAL B 353 1.07 -0.16 -47.49
N ILE B 354 0.65 1.00 -47.97
CA ILE B 354 0.44 2.19 -47.15
C ILE B 354 -1.04 2.56 -47.19
N VAL B 355 -1.56 2.91 -46.02
CA VAL B 355 -2.89 3.46 -45.85
C VAL B 355 -2.77 4.90 -45.36
N MET B 356 -3.29 5.87 -46.14
CA MET B 356 -3.41 7.29 -45.76
C MET B 356 -4.86 7.58 -45.41
N THR B 357 -5.07 8.21 -44.25
CA THR B 357 -6.38 8.31 -43.59
C THR B 357 -6.97 9.72 -43.73
N THR B 358 -6.23 10.67 -44.28
CA THR B 358 -6.73 12.04 -44.45
C THR B 358 -6.41 12.50 -45.87
N LYS B 359 -7.15 13.48 -46.36
CA LYS B 359 -6.68 14.24 -47.54
C LYS B 359 -5.38 14.96 -47.17
N GLU B 360 -4.68 15.54 -48.16
CA GLU B 360 -3.49 16.34 -47.83
C GLU B 360 -3.93 17.60 -47.06
N VAL B 361 -5.09 18.12 -47.46
CA VAL B 361 -5.63 19.32 -46.85
C VAL B 361 -7.07 19.03 -46.42
N GLU B 362 -7.41 19.40 -45.18
CA GLU B 362 -8.79 19.35 -44.69
C GLU B 362 -9.12 20.65 -43.95
N ARG B 363 -10.29 21.23 -44.23
CA ARG B 363 -10.74 22.47 -43.59
C ARG B 363 -9.65 23.55 -43.69
N GLY B 364 -9.00 23.63 -44.86
CA GLY B 364 -7.94 24.64 -45.10
C GLY B 364 -6.64 24.36 -44.34
N LYS B 365 -6.56 23.23 -43.64
CA LYS B 365 -5.37 22.87 -42.86
C LYS B 365 -4.71 21.61 -43.46
N SER B 366 -3.38 21.65 -43.54
CA SER B 366 -2.58 20.53 -44.02
C SER B 366 -2.54 19.43 -42.96
N LYS B 367 -3.02 18.24 -43.34
CA LYS B 367 -3.13 17.10 -42.44
C LYS B 367 -2.15 15.98 -42.85
N CYS B 368 -1.74 15.92 -44.12
CA CYS B 368 -0.80 14.88 -44.62
C CYS B 368 -0.02 15.40 -45.84
N VAL B 369 1.24 15.84 -45.64
CA VAL B 369 1.99 16.43 -46.76
C VAL B 369 2.31 15.32 -47.78
N LYS B 370 2.33 15.73 -49.04
CA LYS B 370 2.58 14.89 -50.20
C LYS B 370 4.01 14.36 -50.13
N TYR B 371 4.18 13.05 -50.13
CA TYR B 371 5.54 12.48 -50.02
C TYR B 371 5.86 11.59 -51.21
N TRP B 372 5.03 11.66 -52.26
CA TRP B 372 5.10 10.74 -53.37
C TRP B 372 5.13 11.57 -54.66
N PRO B 373 5.68 11.04 -55.72
CA PRO B 373 5.68 11.87 -56.91
C PRO B 373 4.35 11.86 -57.68
N ASP B 374 4.18 12.85 -58.56
CA ASP B 374 3.02 12.87 -59.47
C ASP B 374 2.98 11.60 -60.30
N GLU B 375 1.81 11.28 -60.82
CA GLU B 375 1.67 10.08 -61.67
C GLU B 375 2.68 10.12 -62.85
N TYR B 376 3.30 8.98 -63.12
CA TYR B 376 4.35 8.69 -64.16
C TYR B 376 5.71 9.33 -63.81
N ALA B 377 5.82 10.13 -62.74
CA ALA B 377 7.05 10.81 -62.43
C ALA B 377 7.92 9.93 -61.51
N LEU B 378 9.16 10.34 -61.36
CA LEU B 378 10.13 9.64 -60.52
C LEU B 378 10.88 10.68 -59.66
N LYS B 379 10.98 10.47 -58.36
CA LYS B 379 11.69 11.39 -57.47
C LYS B 379 12.68 10.61 -56.61
N GLU B 380 13.75 11.28 -56.24
CA GLU B 380 14.63 10.78 -55.19
C GLU B 380 14.31 11.50 -53.88
N TYR B 381 14.22 10.70 -52.84
CA TYR B 381 14.04 11.12 -51.49
C TYR B 381 15.25 10.63 -50.69
N GLY B 382 16.28 11.48 -50.57
CA GLY B 382 17.59 11.00 -50.10
C GLY B 382 18.07 9.78 -50.88
N VAL B 383 18.32 8.69 -50.16
CA VAL B 383 18.92 7.47 -50.74
C VAL B 383 17.84 6.64 -51.48
N MET B 384 16.57 6.94 -51.25
CA MET B 384 15.48 6.17 -51.83
C MET B 384 14.96 6.86 -53.09
N ARG B 385 14.43 6.06 -53.97
CA ARG B 385 13.83 6.58 -55.16
C ARG B 385 12.47 5.90 -55.33
N VAL B 386 11.53 6.68 -55.82
CA VAL B 386 10.17 6.25 -55.97
C VAL B 386 9.67 6.68 -57.34
N ARG B 387 9.18 5.71 -58.10
CA ARG B 387 8.39 5.99 -59.26
C ARG B 387 6.92 5.83 -58.92
N ASN B 388 6.09 6.78 -59.32
CA ASN B 388 4.62 6.61 -59.32
C ASN B 388 4.21 5.98 -60.66
N VAL B 389 3.97 4.67 -60.66
CA VAL B 389 3.74 3.89 -61.88
C VAL B 389 2.36 4.21 -62.45
N LYS B 390 1.36 4.34 -61.59
CA LYS B 390 -0.01 4.45 -62.05
C LYS B 390 -0.92 4.75 -60.86
N GLU B 391 -1.87 5.65 -61.06
CA GLU B 391 -2.91 5.93 -60.10
C GLU B 391 -4.24 5.39 -60.62
N SER B 392 -5.05 4.89 -59.71
CA SER B 392 -6.39 4.45 -60.07
C SER B 392 -7.36 5.10 -59.07
N ALA B 393 -8.37 5.79 -59.57
CA ALA B 393 -9.28 6.48 -58.67
C ALA B 393 -10.51 5.60 -58.44
N ALA B 394 -10.97 5.53 -57.20
CA ALA B 394 -12.25 4.98 -56.85
C ALA B 394 -13.03 6.10 -56.14
N HIS B 395 -14.30 5.91 -55.80
CA HIS B 395 -15.03 7.00 -55.14
C HIS B 395 -14.39 7.32 -53.78
N ASP B 396 -14.11 6.30 -52.98
CA ASP B 396 -13.68 6.53 -51.60
C ASP B 396 -12.17 6.67 -51.44
N TYR B 397 -11.37 6.31 -52.45
CA TYR B 397 -9.95 6.29 -52.32
C TYR B 397 -9.28 6.34 -53.68
N THR B 398 -8.02 6.75 -53.64
CA THR B 398 -7.11 6.68 -54.74
C THR B 398 -6.03 5.65 -54.42
N LEU B 399 -5.76 4.76 -55.36
CA LEU B 399 -4.65 3.85 -55.20
C LEU B 399 -3.48 4.30 -56.09
N ARG B 400 -2.31 4.39 -55.49
CA ARG B 400 -1.11 4.70 -56.27
C ARG B 400 -0.13 3.54 -56.19
N GLU B 401 0.27 3.10 -57.37
CA GLU B 401 1.23 2.03 -57.53
C GLU B 401 2.64 2.62 -57.65
N LEU B 402 3.40 2.55 -56.53
CA LEU B 402 4.72 3.18 -56.39
C LEU B 402 5.79 2.09 -56.48
N LYS B 403 6.91 2.43 -57.06
CA LYS B 403 8.08 1.56 -57.08
C LYS B 403 9.20 2.21 -56.29
N LEU B 404 9.60 1.51 -55.23
CA LEU B 404 10.59 1.99 -54.28
C LEU B 404 11.87 1.16 -54.43
N SER B 405 12.98 1.88 -54.54
CA SER B 405 14.28 1.26 -54.59
C SER B 405 15.33 2.16 -53.90
N LYS B 406 16.48 1.59 -53.65
CA LYS B 406 17.63 2.32 -53.17
C LYS B 406 18.39 2.86 -54.39
N VAL B 407 18.76 4.15 -54.35
CA VAL B 407 19.56 4.71 -55.44
C VAL B 407 20.86 3.92 -55.50
N GLY B 408 21.26 3.55 -56.71
CA GLY B 408 22.52 2.88 -56.95
C GLY B 408 22.36 1.37 -56.91
N GLN B 409 21.18 0.87 -56.59
CA GLN B 409 21.00 -0.58 -56.36
C GLN B 409 19.70 -1.05 -57.03
N GLY B 410 19.78 -1.30 -58.34
CA GLY B 410 18.64 -1.77 -59.15
C GLY B 410 17.88 -2.90 -58.47
N ASN B 411 18.64 -3.87 -57.96
CA ASN B 411 18.08 -5.10 -57.43
C ASN B 411 17.10 -4.83 -56.27
N THR B 412 17.08 -3.62 -55.66
CA THR B 412 16.35 -3.37 -54.42
C THR B 412 14.86 -3.06 -54.67
N GLU B 413 14.41 -2.93 -55.92
CA GLU B 413 13.07 -2.44 -56.28
C GLU B 413 11.98 -3.38 -55.71
N ARG B 414 10.93 -2.78 -55.15
CA ARG B 414 9.67 -3.49 -54.81
C ARG B 414 8.48 -2.53 -55.05
N THR B 415 7.31 -3.08 -55.36
CA THR B 415 6.12 -2.26 -55.45
C THR B 415 5.57 -1.98 -54.04
N VAL B 416 5.24 -0.72 -53.82
CA VAL B 416 4.47 -0.27 -52.65
C VAL B 416 3.12 0.26 -53.12
N TRP B 417 2.05 -0.34 -52.59
CA TRP B 417 0.70 0.05 -52.95
C TRP B 417 0.14 1.00 -51.90
N GLN B 418 -0.14 2.24 -52.32
CA GLN B 418 -0.57 3.31 -51.40
C GLN B 418 -2.06 3.53 -51.63
N TYR B 419 -2.79 3.29 -50.59
CA TYR B 419 -4.22 3.45 -50.60
C TYR B 419 -4.57 4.73 -49.85
N HIS B 420 -5.01 5.75 -50.55
CA HIS B 420 -5.29 7.06 -49.98
C HIS B 420 -6.80 7.25 -49.80
N PHE B 421 -7.28 7.05 -48.57
CA PHE B 421 -8.72 7.22 -48.27
C PHE B 421 -9.09 8.71 -48.31
N ARG B 422 -10.16 9.05 -49.04
CA ARG B 422 -10.43 10.46 -49.33
C ARG B 422 -11.78 10.93 -48.80
N THR B 423 -12.68 10.07 -48.33
CA THR B 423 -14.06 10.48 -48.03
C THR B 423 -14.34 10.50 -46.52
N TRP B 424 -13.32 10.42 -45.69
CA TRP B 424 -13.57 10.62 -44.25
C TRP B 424 -14.08 12.05 -44.03
N PRO B 425 -15.21 12.23 -43.34
CA PRO B 425 -15.77 13.57 -43.29
C PRO B 425 -14.90 14.55 -42.47
N ASP B 426 -15.14 15.82 -42.72
CA ASP B 426 -14.38 16.86 -42.03
C ASP B 426 -14.67 16.86 -40.53
N HIS B 427 -15.93 16.59 -40.16
CA HIS B 427 -16.33 16.47 -38.75
C HIS B 427 -16.79 15.04 -38.45
N GLY B 428 -16.33 14.48 -37.34
CA GLY B 428 -16.85 13.22 -36.81
C GLY B 428 -16.36 12.00 -37.58
N VAL B 429 -17.26 11.04 -37.79
CA VAL B 429 -16.92 9.74 -38.37
C VAL B 429 -17.86 9.52 -39.57
N PRO B 430 -17.52 8.62 -40.53
CA PRO B 430 -18.43 8.39 -41.62
C PRO B 430 -19.79 7.91 -41.09
N SER B 431 -20.85 8.36 -41.75
CA SER B 431 -22.22 7.97 -41.42
C SER B 431 -22.42 6.46 -41.69
N ASP B 432 -21.85 5.98 -42.77
CA ASP B 432 -21.99 4.59 -43.23
C ASP B 432 -20.55 4.04 -43.21
N PRO B 433 -20.34 2.87 -42.58
CA PRO B 433 -19.02 2.22 -42.56
C PRO B 433 -18.69 1.38 -43.82
N GLY B 434 -19.62 1.23 -44.74
CA GLY B 434 -19.43 0.44 -45.99
C GLY B 434 -18.14 0.82 -46.70
N GLY B 435 -17.92 2.12 -46.88
CA GLY B 435 -16.77 2.63 -47.58
C GLY B 435 -15.46 2.19 -46.92
N VAL B 436 -15.36 2.38 -45.59
CA VAL B 436 -14.16 2.01 -44.87
C VAL B 436 -13.95 0.50 -45.00
N LEU B 437 -15.03 -0.26 -44.94
CA LEU B 437 -14.94 -1.73 -44.85
C LEU B 437 -14.52 -2.27 -46.21
N ASP B 438 -15.08 -1.71 -47.30
CA ASP B 438 -14.70 -2.18 -48.67
C ASP B 438 -13.26 -1.80 -48.97
N PHE B 439 -12.85 -0.61 -48.51
CA PHE B 439 -11.46 -0.16 -48.58
C PHE B 439 -10.53 -1.14 -47.84
N LEU B 440 -10.83 -1.48 -46.57
CA LEU B 440 -9.96 -2.41 -45.79
C LEU B 440 -9.98 -3.83 -46.40
N GLU B 441 -11.11 -4.23 -46.98
CA GLU B 441 -11.17 -5.50 -47.63
C GLU B 441 -10.16 -5.55 -48.77
N GLU B 442 -10.08 -4.50 -49.60
CA GLU B 442 -9.15 -4.48 -50.71
C GLU B 442 -7.70 -4.37 -50.19
N VAL B 443 -7.46 -3.56 -49.16
CA VAL B 443 -6.16 -3.43 -48.54
C VAL B 443 -5.69 -4.78 -48.05
N HIS B 444 -6.60 -5.52 -47.41
CA HIS B 444 -6.28 -6.86 -46.90
C HIS B 444 -5.89 -7.82 -48.03
N HIS B 445 -6.64 -7.80 -49.11
CA HIS B 445 -6.34 -8.76 -50.18
C HIS B 445 -5.01 -8.41 -50.83
N LYS B 446 -4.70 -7.12 -50.97
CA LYS B 446 -3.45 -6.71 -51.58
C LYS B 446 -2.31 -7.27 -50.76
N GLN B 447 -2.37 -7.02 -49.45
CA GLN B 447 -1.32 -7.46 -48.52
C GLN B 447 -1.15 -8.98 -48.58
N GLU B 448 -2.27 -9.70 -48.56
CA GLU B 448 -2.26 -11.16 -48.54
C GLU B 448 -1.65 -11.71 -49.83
N SER B 449 -1.68 -10.96 -50.92
CA SER B 449 -1.25 -11.42 -52.25
C SER B 449 0.28 -11.30 -52.40
N ILE B 450 0.96 -10.62 -51.48
CA ILE B 450 2.39 -10.36 -51.63
C ILE B 450 3.16 -11.19 -50.59
N MET B 451 4.02 -12.08 -51.05
CA MET B 451 4.72 -13.00 -50.17
C MET B 451 5.71 -12.21 -49.30
N ASP B 452 5.75 -12.55 -48.03
CA ASP B 452 6.64 -11.89 -47.05
C ASP B 452 6.56 -10.36 -46.98
N ALA B 453 5.43 -9.77 -47.34
CA ALA B 453 5.26 -8.33 -47.19
C ALA B 453 5.44 -7.94 -45.71
N GLY B 454 6.02 -6.78 -45.48
CA GLY B 454 6.15 -6.24 -44.13
C GLY B 454 4.84 -5.74 -43.55
N PRO B 455 4.92 -4.98 -42.43
CA PRO B 455 3.77 -4.40 -41.80
C PRO B 455 3.08 -3.43 -42.76
N VAL B 456 1.78 -3.31 -42.61
CA VAL B 456 1.00 -2.31 -43.35
C VAL B 456 1.20 -0.95 -42.64
N VAL B 457 1.60 0.07 -43.41
CA VAL B 457 1.82 1.37 -42.85
C VAL B 457 0.48 2.11 -42.83
N VAL B 458 0.08 2.67 -41.69
CA VAL B 458 -1.17 3.37 -41.57
C VAL B 458 -0.90 4.75 -40.98
N HIS B 459 -1.30 5.84 -41.67
CA HIS B 459 -0.87 7.13 -41.23
C HIS B 459 -1.80 8.26 -41.66
N CYS B 460 -1.40 9.42 -41.12
CA CYS B 460 -1.68 10.86 -41.44
C CYS B 460 -1.97 11.58 -40.11
N SER B 461 -2.23 12.86 -40.17
CA SER B 461 -2.43 13.68 -39.00
C SER B 461 -1.41 13.32 -37.89
N ALA B 462 -1.87 13.07 -36.67
CA ALA B 462 -0.96 12.71 -35.56
C ALA B 462 -0.72 11.21 -35.55
N GLY B 463 -1.48 10.43 -36.33
CA GLY B 463 -1.31 8.99 -36.37
C GLY B 463 -1.85 8.23 -35.15
N ILE B 464 -2.94 8.72 -34.55
CA ILE B 464 -3.51 8.03 -33.40
C ILE B 464 -5.03 7.92 -33.51
N GLY B 465 -5.74 8.93 -34.03
CA GLY B 465 -7.22 8.90 -34.05
C GLY B 465 -7.83 8.04 -35.16
N ARG B 466 -7.76 8.56 -36.38
CA ARG B 466 -8.25 7.77 -37.52
C ARG B 466 -7.36 6.56 -37.73
N THR B 467 -6.04 6.77 -37.56
CA THR B 467 -5.10 5.68 -37.73
C THR B 467 -5.46 4.51 -36.77
N GLY B 468 -5.70 4.83 -35.48
CA GLY B 468 -6.12 3.83 -34.52
C GLY B 468 -7.45 3.15 -34.88
N THR B 469 -8.40 3.90 -35.39
CA THR B 469 -9.72 3.43 -35.75
C THR B 469 -9.61 2.44 -36.92
N PHE B 470 -8.92 2.82 -38.01
CA PHE B 470 -8.71 1.87 -39.10
C PHE B 470 -7.98 0.59 -38.62
N ILE B 471 -6.89 0.70 -37.86
CA ILE B 471 -6.16 -0.51 -37.43
C ILE B 471 -7.09 -1.41 -36.60
N VAL B 472 -7.83 -0.88 -35.65
CA VAL B 472 -8.67 -1.69 -34.78
C VAL B 472 -9.76 -2.40 -35.59
N ILE B 473 -10.43 -1.68 -36.50
CA ILE B 473 -11.42 -2.27 -37.34
C ILE B 473 -10.77 -3.40 -38.11
N ASP B 474 -9.58 -3.13 -38.68
CA ASP B 474 -8.87 -4.13 -39.41
C ASP B 474 -8.58 -5.41 -38.61
N ILE B 475 -8.12 -5.25 -37.36
CA ILE B 475 -7.85 -6.43 -36.49
C ILE B 475 -9.12 -7.26 -36.32
N LEU B 476 -10.23 -6.57 -36.01
CA LEU B 476 -11.45 -7.23 -35.63
C LEU B 476 -12.03 -7.94 -36.84
N ILE B 477 -12.09 -7.29 -37.98
CA ILE B 477 -12.68 -7.95 -39.17
C ILE B 477 -11.78 -9.14 -39.57
N ASP B 478 -10.46 -9.03 -39.38
CA ASP B 478 -9.52 -10.13 -39.64
C ASP B 478 -9.85 -11.40 -38.86
N ILE B 479 -10.15 -11.24 -37.57
CA ILE B 479 -10.65 -12.36 -36.76
C ILE B 479 -11.87 -12.96 -37.45
N ILE B 480 -12.81 -12.11 -37.84
CA ILE B 480 -14.11 -12.61 -38.29
C ILE B 480 -13.95 -13.25 -39.67
N ARG B 481 -13.20 -12.61 -40.56
CA ARG B 481 -13.04 -13.12 -41.96
C ARG B 481 -12.43 -14.52 -41.92
N GLU B 482 -11.49 -14.74 -40.99
CA GLU B 482 -10.84 -16.05 -40.79
C GLU B 482 -11.78 -17.00 -40.03
N LYS B 483 -12.40 -16.58 -38.92
CA LYS B 483 -13.21 -17.51 -38.09
C LYS B 483 -14.68 -17.58 -38.54
N GLY B 484 -15.15 -16.65 -39.36
CA GLY B 484 -16.59 -16.53 -39.58
C GLY B 484 -17.31 -15.99 -38.36
N VAL B 485 -18.63 -15.86 -38.47
CA VAL B 485 -19.40 -15.05 -37.56
C VAL B 485 -19.45 -15.71 -36.17
N ASP B 486 -19.22 -17.03 -36.06
CA ASP B 486 -19.16 -17.68 -34.74
C ASP B 486 -17.79 -17.59 -34.06
N CYS B 487 -17.32 -16.37 -33.81
CA CYS B 487 -16.08 -16.14 -33.06
C CYS B 487 -16.33 -15.07 -31.98
N ASP B 488 -15.40 -14.97 -31.04
CA ASP B 488 -15.52 -13.96 -30.00
C ASP B 488 -14.70 -12.76 -30.36
N ILE B 489 -15.26 -11.62 -30.02
CA ILE B 489 -14.57 -10.39 -30.09
C ILE B 489 -14.81 -9.61 -28.80
N ASP B 490 -13.81 -8.80 -28.47
CA ASP B 490 -13.79 -7.92 -27.30
C ASP B 490 -13.18 -6.57 -27.71
N VAL B 491 -14.04 -5.61 -28.07
CA VAL B 491 -13.63 -4.34 -28.68
C VAL B 491 -12.70 -3.56 -27.75
N PRO B 492 -13.16 -3.21 -26.51
CA PRO B 492 -12.31 -2.43 -25.61
C PRO B 492 -10.99 -3.14 -25.25
N LYS B 493 -11.02 -4.46 -25.11
CA LYS B 493 -9.78 -5.19 -24.81
C LYS B 493 -8.80 -5.02 -25.98
N THR B 494 -9.33 -5.07 -27.19
CA THR B 494 -8.48 -4.94 -28.41
C THR B 494 -7.87 -3.53 -28.46
N ILE B 495 -8.65 -2.51 -28.19
CA ILE B 495 -8.20 -1.15 -28.18
C ILE B 495 -7.17 -0.91 -27.08
N GLN B 496 -7.36 -1.45 -25.88
CA GLN B 496 -6.40 -1.26 -24.79
C GLN B 496 -5.05 -1.88 -25.19
N MET B 497 -5.10 -3.04 -25.86
CA MET B 497 -3.92 -3.72 -26.35
C MET B 497 -3.21 -2.84 -27.40
N VAL B 498 -3.96 -2.18 -28.28
CA VAL B 498 -3.27 -1.35 -29.32
C VAL B 498 -2.73 -0.04 -28.67
N ARG B 499 -3.48 0.53 -27.72
CA ARG B 499 -3.04 1.71 -26.96
C ARG B 499 -1.77 1.47 -26.15
N SER B 500 -1.46 0.23 -25.77
CA SER B 500 -0.20 -0.09 -25.08
C SER B 500 0.98 -0.05 -26.06
N GLN B 501 0.75 0.03 -27.36
CA GLN B 501 1.85 0.05 -28.35
C GLN B 501 1.97 1.42 -29.02
N ARG B 502 0.94 2.27 -28.97
CA ARG B 502 1.08 3.72 -29.35
C ARG B 502 0.02 4.52 -28.63
N SER B 503 0.41 5.72 -28.20
CA SER B 503 -0.38 6.59 -27.34
C SER B 503 -1.73 6.96 -27.96
N GLY B 504 -2.82 6.69 -27.22
CA GLY B 504 -4.14 7.24 -27.49
C GLY B 504 -4.78 6.71 -28.77
N MET B 505 -4.41 5.54 -29.21
CA MET B 505 -5.02 4.95 -30.42
C MET B 505 -6.54 4.81 -30.23
N VAL B 506 -7.30 5.43 -31.14
CA VAL B 506 -8.73 5.68 -31.02
C VAL B 506 -8.94 6.81 -30.01
N GLN B 507 -9.36 7.95 -30.53
CA GLN B 507 -9.37 9.21 -29.80
C GLN B 507 -10.74 9.46 -29.15
N THR B 508 -11.83 9.05 -29.78
CA THR B 508 -13.09 9.60 -29.41
C THR B 508 -14.17 8.52 -29.32
N GLU B 509 -15.19 8.89 -28.57
CA GLU B 509 -16.36 8.08 -28.38
C GLU B 509 -17.08 7.86 -29.72
N ALA B 510 -17.09 8.88 -30.59
CA ALA B 510 -17.66 8.71 -31.93
C ALA B 510 -16.91 7.61 -32.70
N GLN B 511 -15.57 7.59 -32.62
CA GLN B 511 -14.76 6.56 -33.30
C GLN B 511 -14.99 5.19 -32.65
N TYR B 512 -15.12 5.17 -31.32
CA TYR B 512 -15.39 3.95 -30.59
C TYR B 512 -16.70 3.32 -31.10
N ARG B 513 -17.74 4.14 -31.18
CA ARG B 513 -19.06 3.70 -31.69
C ARG B 513 -18.95 3.26 -33.17
N PHE B 514 -18.11 3.97 -33.93
CA PHE B 514 -17.98 3.64 -35.36
C PHE B 514 -17.36 2.24 -35.52
N ILE B 515 -16.44 1.88 -34.62
CA ILE B 515 -15.77 0.58 -34.66
C ILE B 515 -16.85 -0.49 -34.50
N TYR B 516 -17.76 -0.29 -33.55
CA TYR B 516 -18.83 -1.25 -33.31
C TYR B 516 -19.74 -1.36 -34.54
N MET B 517 -20.14 -0.21 -35.10
CA MET B 517 -21.00 -0.14 -36.30
C MET B 517 -20.31 -0.84 -37.49
N ALA B 518 -19.01 -0.67 -37.63
CA ALA B 518 -18.31 -1.25 -38.78
C ALA B 518 -18.29 -2.77 -38.64
N VAL B 519 -18.05 -3.27 -37.42
CA VAL B 519 -18.09 -4.70 -37.17
C VAL B 519 -19.51 -5.22 -37.42
N GLN B 520 -20.53 -4.49 -36.99
CA GLN B 520 -21.92 -4.94 -37.17
C GLN B 520 -22.26 -5.03 -38.67
N HIS B 521 -21.85 -4.01 -39.41
CA HIS B 521 -22.07 -3.94 -40.87
C HIS B 521 -21.35 -5.09 -41.58
N TYR B 522 -20.14 -5.37 -41.14
CA TYR B 522 -19.33 -6.44 -41.75
C TYR B 522 -20.04 -7.79 -41.59
N ILE B 523 -20.54 -8.05 -40.39
CA ILE B 523 -21.26 -9.31 -40.06
C ILE B 523 -22.50 -9.39 -40.98
N GLU B 524 -23.24 -8.29 -41.03
CA GLU B 524 -24.51 -8.20 -41.80
C GLU B 524 -24.25 -8.50 -43.29
N THR B 525 -23.18 -7.96 -43.86
CA THR B 525 -22.87 -8.16 -45.27
C THR B 525 -22.55 -9.64 -45.55
N LEU B 526 -21.84 -10.30 -44.64
CA LEU B 526 -21.54 -11.75 -44.72
C LEU B 526 -22.84 -12.57 -44.60
N GLN B 527 -23.70 -12.20 -43.66
CA GLN B 527 -24.98 -12.89 -43.46
C GLN B 527 -25.86 -12.71 -44.70
N ARG B 528 -25.82 -11.55 -45.33
CA ARG B 528 -26.59 -11.29 -46.57
C ARG B 528 -26.05 -12.18 -47.71
N ARG B 529 -24.74 -12.33 -47.78
CA ARG B 529 -24.10 -13.15 -48.81
C ARG B 529 -24.40 -14.63 -48.55
#